data_7AIY
#
_entry.id   7AIY
#
_cell.length_a   73.878
_cell.length_b   79.318
_cell.length_c   228.710
_cell.angle_alpha   90.000
_cell.angle_beta   90.000
_cell.angle_gamma   90.000
#
_symmetry.space_group_name_H-M   'P 21 21 21'
#
loop_
_entity.id
_entity.type
_entity.pdbx_description
1 polymer Cholinesterase
2 non-polymer 2-{1-[4-(12-Amino-3-chloro-6,7,10,11-tetrahydro-7,11-methanocycloocta[b]quinolin-9-yl)butyl]-1H-1,2,3-triazol-4-yl}-N-[4-hydroxy-3-methoxybenzyl]acetamide
#
_entity_poly.entity_id   1
_entity_poly.type   'polypeptide(L)'
_entity_poly.pdbx_seq_one_letter_code
;MHSKVTIICIRFLFWFLLLCMLIGKSHTEDDIIIATKNGKVRGMNLTVFGGTVTAFLGIPYAQPPLGRLRFKKPQSLTKW
SDIWNATKYANSCCQNIDQSFPGFHGSEMWNPNTDLSEDCLYLNVWIPAPKPKNATVLIWIYGGGFQTGTSSLHVYDGKF
LARVERVIVVSMNYRVGALGFLALPGNPEAPGNMGLFDQQLALQWVQKNIAAFGGNPKSVTLFGESAGAASVSLHLLSPG
SHSLFTRAILQSGSFNAPWAVTSLYEARNRTLNLAKLTGCSRENETEIIKCLRNKDPQEILLNEAFVVPYGTPLSVNFGP
TVDGDFLTDMPDILLELGQFKKTQILVGVNKDEGTAFLVYGAPGFSKDNNSIITRKEFQEGLKIFFPGVSEFGKESILFH
YTDWVDDQRPENYREALGDVVGDYNFICPALEFTKKFSEWGNNAFFYYFEHRSSKLPWPEWMGVMHGYEIEFVFGLPLER
RDNYTKAEEILSRSIVKRWANFAKYGNPNETQNNSTSWPVFKSTEQKYLTLNTESTRIMTKLRAQQCRFWTSFFPKVLEM
TGNIDEAEWEWKAGFHRWNNYMMDWKNQFNDYTSKKESCVGL
;
_entity_poly.pdbx_strand_id   A,B
#
loop_
_chem_comp.id
_chem_comp.type
_chem_comp.name
_chem_comp.formula
8U2 non-polymer 2-{1-[4-(12-Amino-3-chloro-6,7,10,11-tetrahydro-7,11-methanocycloocta[b]quinolin-9-yl)butyl]-1H-1,2,3-triazol-4-yl}-N-[4-hydroxy-3-methoxybenzyl]acetamide 'C32 H37 Cl N6 O3'
#
# COMPACT_ATOMS: atom_id res chain seq x y z
N ASP A 31 11.92 -30.06 -27.24
CA ASP A 31 11.90 -30.18 -25.78
C ASP A 31 13.34 -30.24 -25.24
N ILE A 32 13.76 -29.22 -24.50
CA ILE A 32 15.13 -29.11 -24.00
C ILE A 32 15.10 -28.96 -22.49
N ILE A 33 15.85 -29.81 -21.79
CA ILE A 33 15.63 -30.05 -20.38
C ILE A 33 16.93 -30.55 -19.78
N ILE A 34 17.35 -30.00 -18.65
CA ILE A 34 18.74 -30.23 -18.27
C ILE A 34 18.84 -30.39 -16.76
N ALA A 35 19.73 -31.28 -16.35
CA ALA A 35 19.76 -31.79 -14.99
C ALA A 35 20.67 -30.89 -14.17
N THR A 36 20.09 -30.23 -13.17
CA THR A 36 20.91 -29.48 -12.23
C THR A 36 21.32 -30.41 -11.09
N LYS A 37 22.02 -29.85 -10.10
CA LYS A 37 22.39 -30.55 -8.88
C LYS A 37 21.18 -30.83 -7.98
N ASN A 38 20.01 -30.24 -8.27
CA ASN A 38 18.85 -30.41 -7.39
C ASN A 38 17.57 -30.71 -8.16
N GLY A 39 17.67 -31.29 -9.33
CA GLY A 39 16.49 -31.64 -10.08
C GLY A 39 16.72 -31.31 -11.54
N LYS A 40 15.68 -31.42 -12.34
CA LYS A 40 15.82 -31.10 -13.75
C LYS A 40 14.77 -30.06 -14.10
N VAL A 41 15.12 -29.19 -15.05
CA VAL A 41 14.37 -27.96 -15.33
C VAL A 41 14.10 -27.88 -16.83
N ARG A 42 12.88 -27.51 -17.22
CA ARG A 42 12.51 -27.41 -18.62
C ARG A 42 12.51 -25.95 -19.06
N GLY A 43 13.03 -25.69 -20.26
CA GLY A 43 13.13 -24.36 -20.79
C GLY A 43 12.19 -24.04 -21.95
N MET A 44 12.56 -22.97 -22.66
CA MET A 44 11.81 -22.46 -23.79
C MET A 44 12.76 -22.06 -24.92
N ASN A 45 12.23 -22.16 -26.14
CA ASN A 45 12.92 -21.82 -27.38
C ASN A 45 12.43 -20.47 -27.92
N LEU A 46 13.35 -19.52 -28.07
CA LEU A 46 12.99 -18.17 -28.49
C LEU A 46 13.56 -17.83 -29.87
N THR A 47 12.71 -17.28 -30.74
CA THR A 47 13.20 -16.72 -31.99
C THR A 47 13.89 -15.38 -31.73
N VAL A 48 15.19 -15.30 -32.00
CA VAL A 48 15.93 -14.06 -31.87
C VAL A 48 16.78 -13.85 -33.12
N PHE A 49 16.36 -12.91 -33.99
CA PHE A 49 17.13 -12.52 -35.17
C PHE A 49 17.35 -13.68 -36.13
N GLY A 50 16.27 -14.40 -36.43
CA GLY A 50 16.43 -15.59 -37.26
C GLY A 50 17.40 -16.60 -36.72
N GLY A 51 17.47 -16.73 -35.40
CA GLY A 51 18.21 -17.78 -34.74
C GLY A 51 17.36 -18.19 -33.57
N THR A 52 17.82 -19.13 -32.76
CA THR A 52 17.07 -19.48 -31.57
C THR A 52 17.99 -19.41 -30.37
N VAL A 53 17.38 -19.12 -29.23
CA VAL A 53 18.08 -19.03 -27.95
C VAL A 53 17.22 -19.76 -26.92
N THR A 54 17.85 -20.48 -26.00
CA THR A 54 17.17 -21.22 -24.94
C THR A 54 17.14 -20.31 -23.71
N ALA A 55 15.98 -20.13 -23.12
CA ALA A 55 15.86 -19.42 -21.85
C ALA A 55 15.20 -20.33 -20.83
N PHE A 56 15.69 -20.27 -19.60
CA PHE A 56 15.10 -20.96 -18.44
C PHE A 56 14.80 -19.90 -17.40
N LEU A 57 13.57 -19.39 -17.42
CA LEU A 57 13.18 -18.26 -16.57
C LEU A 57 12.64 -18.77 -15.24
N GLY A 58 13.22 -18.27 -14.15
CA GLY A 58 12.68 -18.53 -12.83
C GLY A 58 13.11 -19.83 -12.17
N ILE A 59 14.35 -20.24 -12.36
CA ILE A 59 14.89 -21.36 -11.57
C ILE A 59 15.08 -20.89 -10.14
N PRO A 60 14.63 -21.65 -9.14
CA PRO A 60 14.92 -21.30 -7.74
C PRO A 60 16.34 -21.67 -7.34
N TYR A 61 17.01 -20.76 -6.59
CA TYR A 61 18.37 -21.02 -6.09
C TYR A 61 18.50 -20.98 -4.58
N ALA A 62 17.49 -20.48 -3.85
CA ALA A 62 17.52 -20.37 -2.40
C ALA A 62 16.11 -20.64 -1.87
N GLN A 63 16.04 -21.26 -0.70
N GLN A 63 16.03 -21.26 -0.71
CA GLN A 63 14.74 -21.55 -0.09
CA GLN A 63 14.72 -21.60 -0.14
C GLN A 63 13.95 -20.25 0.08
C GLN A 63 13.94 -20.30 0.14
N PRO A 64 12.65 -20.26 -0.22
CA PRO A 64 11.86 -19.02 -0.04
C PRO A 64 12.08 -18.37 1.30
N PRO A 65 12.48 -17.23 1.32
CA PRO A 65 12.85 -16.57 2.58
C PRO A 65 11.63 -16.10 3.37
N LEU A 66 10.80 -17.07 3.81
CA LEU A 66 9.54 -16.81 4.51
C LEU A 66 9.38 -17.50 5.85
N GLY A 67 8.54 -16.85 6.66
CA GLY A 67 8.17 -17.35 7.95
C GLY A 67 9.31 -17.15 8.90
N ARG A 68 9.81 -18.27 9.44
CA ARG A 68 11.02 -18.24 10.25
C ARG A 68 12.17 -17.57 9.53
N LEU A 69 12.16 -17.61 8.18
CA LEU A 69 13.37 -17.32 7.43
C LEU A 69 13.50 -15.88 6.92
N ARG A 70 12.58 -14.96 7.19
CA ARG A 70 12.82 -13.62 6.68
C ARG A 70 13.84 -12.90 7.55
N PHE A 71 14.58 -11.99 6.93
CA PHE A 71 15.69 -11.23 7.51
C PHE A 71 16.93 -12.11 7.72
N LYS A 72 16.83 -13.41 7.52
CA LYS A 72 18.03 -14.24 7.62
C LYS A 72 18.70 -14.42 6.26
N LYS A 73 19.90 -15.01 6.30
CA LYS A 73 20.63 -15.28 5.08
C LYS A 73 19.98 -16.42 4.30
N PRO A 74 20.03 -16.37 2.96
CA PRO A 74 19.33 -17.37 2.16
C PRO A 74 19.87 -18.77 2.41
N GLN A 75 18.94 -19.72 2.51
CA GLN A 75 19.27 -21.12 2.78
C GLN A 75 19.22 -21.93 1.49
N SER A 76 20.24 -22.76 1.29
CA SER A 76 20.39 -23.52 0.04
C SER A 76 19.26 -24.55 -0.11
N LEU A 77 19.04 -24.99 -1.37
CA LEU A 77 17.92 -25.86 -1.72
C LEU A 77 18.20 -27.34 -1.52
N THR A 78 17.09 -28.06 -1.41
CA THR A 78 16.98 -29.51 -1.46
C THR A 78 16.28 -29.89 -2.75
N LYS A 79 16.66 -31.04 -3.32
CA LYS A 79 16.27 -31.39 -4.68
C LYS A 79 14.75 -31.44 -4.86
N TRP A 80 14.34 -31.40 -6.12
CA TRP A 80 13.00 -31.77 -6.57
C TRP A 80 13.19 -32.77 -7.70
N SER A 81 12.17 -33.62 -7.94
CA SER A 81 12.39 -34.78 -8.84
C SER A 81 11.26 -35.46 -9.64
N ASP A 82 10.16 -34.86 -10.11
CA ASP A 82 9.83 -33.48 -10.58
C ASP A 82 10.74 -32.73 -11.58
N ILE A 83 10.08 -31.97 -12.46
CA ILE A 83 10.72 -31.09 -13.42
C ILE A 83 10.13 -29.71 -13.05
N TRP A 84 11.03 -28.75 -12.81
CA TRP A 84 10.69 -27.34 -12.65
C TRP A 84 10.58 -26.74 -14.06
N ASN A 85 9.38 -26.32 -14.45
CA ASN A 85 9.21 -25.68 -15.77
C ASN A 85 9.67 -24.24 -15.61
N ALA A 86 10.90 -23.96 -16.07
CA ALA A 86 11.44 -22.61 -16.06
C ALA A 86 10.97 -21.88 -17.31
N THR A 87 9.67 -21.66 -17.35
CA THR A 87 9.04 -21.16 -18.55
C THR A 87 8.38 -19.80 -18.36
N LYS A 88 8.46 -19.22 -17.15
CA LYS A 88 7.98 -17.86 -16.93
C LYS A 88 8.89 -17.16 -15.93
N TYR A 89 9.03 -15.85 -16.09
CA TYR A 89 9.66 -15.01 -15.08
C TYR A 89 8.97 -15.18 -13.73
N ALA A 90 9.77 -15.48 -12.70
CA ALA A 90 9.27 -15.69 -11.33
C ALA A 90 8.82 -14.37 -10.70
N ASN A 91 8.44 -14.42 -9.42
CA ASN A 91 7.97 -13.21 -8.73
C ASN A 91 9.11 -12.27 -8.38
N SER A 92 8.88 -10.96 -8.57
CA SER A 92 9.81 -9.96 -8.07
C SER A 92 9.71 -9.89 -6.55
N CYS A 93 10.86 -9.67 -5.89
CA CYS A 93 10.85 -9.52 -4.44
C CYS A 93 10.06 -8.29 -4.03
N CYS A 94 9.49 -8.36 -2.82
CA CYS A 94 8.68 -7.28 -2.27
C CYS A 94 9.45 -5.96 -2.24
N GLN A 95 8.80 -4.89 -2.70
CA GLN A 95 9.43 -3.61 -2.89
C GLN A 95 8.34 -2.57 -3.13
N ASN A 96 8.63 -1.31 -2.79
CA ASN A 96 7.71 -0.25 -3.16
C ASN A 96 7.72 -0.05 -4.67
N ILE A 97 6.75 0.72 -5.17
CA ILE A 97 6.63 0.99 -6.59
C ILE A 97 6.51 2.50 -6.78
N ASP A 98 7.16 3.04 -7.81
CA ASP A 98 7.19 4.47 -8.05
C ASP A 98 6.03 4.90 -8.93
N GLN A 99 5.02 5.52 -8.31
CA GLN A 99 3.92 6.17 -9.01
C GLN A 99 3.97 7.70 -8.96
N SER A 100 5.13 8.33 -8.86
CA SER A 100 5.11 9.78 -8.95
C SER A 100 4.39 10.23 -10.23
N PHE A 101 4.44 9.42 -11.27
CA PHE A 101 3.94 9.77 -12.59
C PHE A 101 3.21 8.57 -13.15
N PRO A 102 1.91 8.42 -12.87
CA PRO A 102 1.17 7.23 -13.29
C PRO A 102 0.80 7.30 -14.77
N GLY A 103 1.10 6.23 -15.50
CA GLY A 103 0.86 6.20 -16.92
C GLY A 103 2.00 6.75 -17.76
N PHE A 104 3.05 7.29 -17.13
CA PHE A 104 4.21 7.79 -17.85
C PHE A 104 5.20 6.66 -18.03
N HIS A 105 5.45 6.29 -19.29
CA HIS A 105 6.35 5.18 -19.59
C HIS A 105 7.70 5.38 -18.91
N GLY A 106 8.18 6.62 -18.86
CA GLY A 106 9.55 6.88 -18.46
C GLY A 106 9.89 6.40 -17.07
N SER A 107 8.88 6.32 -16.19
CA SER A 107 9.08 5.85 -14.83
C SER A 107 8.53 4.44 -14.60
N GLU A 108 7.40 4.10 -15.22
CA GLU A 108 6.82 2.78 -15.00
C GLU A 108 7.61 1.67 -15.67
N MET A 109 8.45 2.00 -16.67
CA MET A 109 9.31 1.00 -17.30
C MET A 109 10.32 0.39 -16.34
N TRP A 110 10.51 1.00 -15.16
CA TRP A 110 11.40 0.46 -14.13
C TRP A 110 10.65 -0.26 -13.02
N ASN A 111 9.34 0.00 -12.89
CA ASN A 111 8.52 -0.72 -11.91
C ASN A 111 8.44 -2.20 -12.30
N PRO A 112 8.27 -3.09 -11.33
CA PRO A 112 8.27 -4.52 -11.66
C PRO A 112 7.13 -4.87 -12.61
N ASN A 113 7.28 -5.99 -13.31
CA ASN A 113 6.28 -6.49 -14.24
C ASN A 113 5.88 -7.92 -13.90
N THR A 114 5.98 -8.26 -12.64
CA THR A 114 5.64 -9.55 -12.13
C THR A 114 4.88 -9.29 -10.84
N ASP A 115 4.23 -10.32 -10.31
CA ASP A 115 3.67 -10.26 -8.97
C ASP A 115 4.78 -10.08 -7.94
N LEU A 116 4.50 -9.26 -6.92
CA LEU A 116 5.39 -9.16 -5.77
C LEU A 116 5.09 -10.24 -4.75
N SER A 117 6.13 -10.72 -4.09
CA SER A 117 6.08 -11.85 -3.18
C SER A 117 7.41 -11.97 -2.45
N GLU A 118 7.36 -12.21 -1.14
CA GLU A 118 8.67 -12.48 -0.53
C GLU A 118 9.25 -13.80 -1.02
N ASP A 119 8.46 -14.64 -1.70
CA ASP A 119 8.99 -15.80 -2.43
C ASP A 119 9.47 -15.30 -3.79
N CYS A 120 10.79 -15.11 -3.91
CA CYS A 120 11.35 -14.45 -5.08
C CYS A 120 12.80 -14.81 -5.38
N LEU A 121 13.41 -15.76 -4.67
CA LEU A 121 14.83 -16.05 -4.87
C LEU A 121 15.05 -16.96 -6.09
N TYR A 122 14.75 -16.39 -7.27
CA TYR A 122 14.82 -17.13 -8.52
C TYR A 122 15.79 -16.46 -9.48
N LEU A 123 16.32 -17.23 -10.43
CA LEU A 123 17.23 -16.69 -11.45
C LEU A 123 16.86 -17.21 -12.85
N ASN A 124 17.46 -16.57 -13.86
CA ASN A 124 17.18 -16.83 -15.27
C ASN A 124 18.49 -16.94 -16.02
N VAL A 125 18.61 -17.96 -16.87
CA VAL A 125 19.78 -18.12 -17.71
C VAL A 125 19.34 -18.14 -19.16
N TRP A 126 20.09 -17.49 -20.02
CA TRP A 126 19.85 -17.56 -21.45
C TRP A 126 21.03 -18.26 -22.10
N ILE A 127 20.75 -19.23 -22.95
CA ILE A 127 21.79 -20.09 -23.53
C ILE A 127 21.72 -19.93 -25.03
N PRO A 128 22.85 -19.79 -25.72
CA PRO A 128 22.83 -19.78 -27.19
C PRO A 128 22.37 -21.12 -27.75
N ALA A 129 21.84 -21.09 -28.98
CA ALA A 129 21.53 -22.33 -29.69
C ALA A 129 22.19 -22.38 -31.07
N PRO A 130 22.93 -23.47 -31.36
CA PRO A 130 23.08 -24.71 -30.59
C PRO A 130 23.80 -24.50 -29.28
N LYS A 131 23.40 -25.24 -28.25
CA LYS A 131 23.99 -25.12 -26.92
C LYS A 131 25.51 -25.06 -27.02
N PRO A 132 26.15 -24.02 -26.47
CA PRO A 132 27.60 -23.91 -26.56
C PRO A 132 28.30 -24.97 -25.73
N LYS A 133 29.63 -25.01 -25.77
CA LYS A 133 30.32 -26.03 -25.00
C LYS A 133 31.18 -25.48 -23.88
N ASN A 134 31.79 -24.30 -24.02
CA ASN A 134 32.56 -23.75 -22.90
C ASN A 134 32.43 -22.22 -22.88
N ALA A 135 31.18 -21.75 -22.87
CA ALA A 135 30.88 -20.35 -23.12
C ALA A 135 31.17 -19.47 -21.91
N THR A 136 31.54 -18.22 -22.18
CA THR A 136 31.64 -17.22 -21.13
C THR A 136 30.25 -16.92 -20.58
N VAL A 137 30.18 -16.71 -19.26
CA VAL A 137 28.95 -16.43 -18.54
C VAL A 137 28.97 -14.97 -18.08
N LEU A 138 27.89 -14.25 -18.39
CA LEU A 138 27.68 -12.88 -17.92
C LEU A 138 26.53 -12.87 -16.92
N ILE A 139 26.74 -12.26 -15.77
CA ILE A 139 25.75 -12.26 -14.70
C ILE A 139 25.33 -10.82 -14.44
N TRP A 140 24.03 -10.56 -14.51
CA TRP A 140 23.48 -9.22 -14.35
C TRP A 140 22.86 -9.00 -12.97
N ILE A 141 23.26 -7.93 -12.31
CA ILE A 141 22.71 -7.54 -11.01
C ILE A 141 22.09 -6.16 -11.18
N TYR A 142 20.77 -6.08 -11.05
CA TYR A 142 20.03 -4.87 -11.39
C TYR A 142 20.14 -3.80 -10.31
N GLY A 143 20.03 -2.54 -10.74
CA GLY A 143 20.07 -1.43 -9.82
C GLY A 143 18.68 -1.04 -9.32
N GLY A 144 18.66 -0.20 -8.27
CA GLY A 144 17.42 0.21 -7.63
C GLY A 144 17.56 0.90 -6.27
N GLY A 145 18.71 1.58 -6.06
CA GLY A 145 18.98 2.13 -4.75
C GLY A 145 18.77 1.14 -3.61
N PHE A 146 18.89 -0.16 -3.93
CA PHE A 146 18.63 -1.28 -3.04
C PHE A 146 17.21 -1.28 -2.47
N GLN A 147 16.33 -0.41 -2.96
CA GLN A 147 14.96 -0.36 -2.47
C GLN A 147 13.96 -0.95 -3.44
N THR A 148 14.38 -1.26 -4.68
CA THR A 148 13.47 -1.60 -5.76
C THR A 148 14.21 -2.47 -6.77
N GLY A 149 13.46 -2.99 -7.74
CA GLY A 149 14.06 -3.62 -8.90
C GLY A 149 13.82 -5.11 -9.05
N THR A 150 14.07 -5.64 -10.26
CA THR A 150 13.84 -7.05 -10.57
C THR A 150 14.49 -7.42 -11.92
N SER A 151 14.96 -8.67 -11.99
CA SER A 151 15.64 -9.19 -13.17
C SER A 151 14.71 -9.42 -14.36
N SER A 152 13.44 -9.10 -14.19
CA SER A 152 12.42 -9.45 -15.15
C SER A 152 12.13 -8.33 -16.17
N LEU A 153 12.76 -7.17 -16.01
CA LEU A 153 12.45 -6.02 -16.87
C LEU A 153 12.85 -6.27 -18.33
N HIS A 154 12.10 -5.64 -19.24
CA HIS A 154 12.36 -5.80 -20.67
C HIS A 154 13.74 -5.27 -21.05
N VAL A 155 14.25 -4.25 -20.36
CA VAL A 155 15.60 -3.78 -20.67
C VAL A 155 16.70 -4.71 -20.16
N TYR A 156 16.39 -5.72 -19.34
CA TYR A 156 17.40 -6.68 -18.91
C TYR A 156 17.29 -7.99 -19.65
N ASP A 157 16.63 -8.00 -20.82
CA ASP A 157 16.37 -9.22 -21.57
C ASP A 157 17.69 -9.71 -22.16
N GLY A 158 18.29 -10.72 -21.54
CA GLY A 158 19.59 -11.21 -21.97
C GLY A 158 19.62 -11.92 -23.31
N LYS A 159 18.47 -12.17 -23.95
CA LYS A 159 18.45 -13.06 -25.11
C LYS A 159 19.34 -12.52 -26.25
N PHE A 160 19.31 -11.20 -26.51
CA PHE A 160 20.11 -10.67 -27.60
C PHE A 160 21.61 -10.89 -27.39
N LEU A 161 22.09 -10.80 -26.14
CA LEU A 161 23.50 -11.08 -25.91
C LEU A 161 23.85 -12.53 -26.22
N ALA A 162 23.00 -13.48 -25.85
CA ALA A 162 23.29 -14.87 -26.13
C ALA A 162 23.24 -15.13 -27.63
N ARG A 163 22.23 -14.60 -28.28
CA ARG A 163 22.10 -14.73 -29.73
C ARG A 163 23.32 -14.15 -30.42
N VAL A 164 23.60 -12.86 -30.18
CA VAL A 164 24.56 -12.12 -31.01
C VAL A 164 25.98 -12.55 -30.73
N GLU A 165 26.39 -12.55 -29.47
CA GLU A 165 27.77 -12.85 -29.10
C GLU A 165 27.95 -14.20 -28.41
N ARG A 166 26.95 -15.06 -28.47
CA ARG A 166 27.08 -16.48 -28.08
C ARG A 166 27.61 -16.61 -26.66
N VAL A 167 27.03 -15.83 -25.76
CA VAL A 167 27.34 -15.88 -24.33
C VAL A 167 26.17 -16.52 -23.58
N ILE A 168 26.39 -16.82 -22.32
CA ILE A 168 25.32 -17.21 -21.41
C ILE A 168 25.10 -16.05 -20.46
N VAL A 169 23.91 -15.46 -20.52
CA VAL A 169 23.51 -14.38 -19.64
C VAL A 169 22.69 -14.97 -18.52
N VAL A 170 23.04 -14.62 -17.28
CA VAL A 170 22.32 -15.05 -16.09
C VAL A 170 21.91 -13.81 -15.31
N SER A 171 20.74 -13.87 -14.68
CA SER A 171 20.29 -12.78 -13.83
C SER A 171 19.47 -13.36 -12.69
N MET A 172 19.57 -12.73 -11.52
CA MET A 172 18.90 -13.21 -10.32
C MET A 172 18.14 -12.08 -9.63
N ASN A 173 17.13 -12.47 -8.86
CA ASN A 173 16.45 -11.58 -7.94
C ASN A 173 17.04 -11.76 -6.55
N TYR A 174 17.35 -10.64 -5.89
CA TYR A 174 17.86 -10.61 -4.53
C TYR A 174 16.97 -9.69 -3.72
N ARG A 175 16.81 -10.00 -2.44
CA ARG A 175 15.94 -9.20 -1.59
C ARG A 175 16.45 -7.76 -1.46
N VAL A 176 15.55 -6.89 -1.02
CA VAL A 176 15.60 -5.46 -1.33
C VAL A 176 14.83 -4.69 -0.26
N GLY A 177 15.20 -3.44 -0.05
CA GLY A 177 14.58 -2.74 1.07
C GLY A 177 14.92 -3.46 2.36
N ALA A 178 14.05 -3.29 3.36
CA ALA A 178 14.35 -3.87 4.67
C ALA A 178 14.37 -5.40 4.64
N LEU A 179 13.63 -6.05 3.75
CA LEU A 179 13.79 -7.49 3.86
C LEU A 179 15.01 -7.95 3.11
N GLY A 180 15.85 -7.01 2.71
CA GLY A 180 17.10 -7.40 2.10
C GLY A 180 18.27 -6.91 2.93
N PHE A 181 18.07 -5.82 3.65
CA PHE A 181 19.22 -5.15 4.24
C PHE A 181 19.03 -4.67 5.67
N LEU A 182 17.88 -4.95 6.30
CA LEU A 182 17.69 -4.65 7.70
C LEU A 182 18.83 -5.22 8.51
N ALA A 183 19.39 -4.41 9.43
CA ALA A 183 20.57 -4.80 10.16
C ALA A 183 20.42 -4.56 11.64
N LEU A 184 20.56 -5.62 12.44
CA LEU A 184 21.10 -5.47 13.80
C LEU A 184 22.40 -6.25 13.82
N PRO A 185 23.54 -5.56 13.90
CA PRO A 185 24.83 -6.22 13.62
C PRO A 185 25.24 -7.18 14.72
N GLY A 186 25.81 -8.32 14.29
CA GLY A 186 26.17 -9.40 15.18
C GLY A 186 25.04 -10.36 15.50
N ASN A 187 23.83 -10.10 14.99
CA ASN A 187 22.67 -10.92 15.24
C ASN A 187 22.27 -11.75 14.02
N PRO A 188 22.57 -13.05 13.96
CA PRO A 188 22.23 -13.81 12.75
C PRO A 188 20.75 -13.82 12.43
N GLU A 189 19.89 -13.46 13.37
CA GLU A 189 18.47 -13.36 13.03
C GLU A 189 18.22 -12.24 12.02
N ALA A 190 19.07 -11.24 11.98
CA ALA A 190 18.89 -10.13 11.06
C ALA A 190 20.24 -9.43 10.90
N PRO A 191 21.20 -10.10 10.26
CA PRO A 191 22.60 -9.62 10.33
C PRO A 191 22.88 -8.38 9.50
N GLY A 192 22.05 -8.08 8.52
CA GLY A 192 22.39 -7.15 7.47
C GLY A 192 22.96 -7.87 6.27
N ASN A 193 22.76 -7.26 5.09
CA ASN A 193 23.31 -7.69 3.80
C ASN A 193 22.68 -8.97 3.24
N MET A 194 21.52 -9.40 3.75
CA MET A 194 20.91 -10.61 3.20
C MET A 194 20.72 -10.51 1.69
N GLY A 195 20.65 -9.28 1.15
CA GLY A 195 20.53 -9.13 -0.28
C GLY A 195 21.79 -9.57 -1.00
N LEU A 196 22.93 -8.95 -0.69
CA LEU A 196 24.16 -9.38 -1.35
C LEU A 196 24.39 -10.87 -1.14
N PHE A 197 23.99 -11.39 0.03
CA PHE A 197 24.13 -12.82 0.26
C PHE A 197 23.27 -13.62 -0.71
N ASP A 198 22.05 -13.13 -1.00
CA ASP A 198 21.24 -13.70 -2.07
C ASP A 198 21.99 -13.67 -3.40
N GLN A 199 22.57 -12.52 -3.75
CA GLN A 199 23.34 -12.44 -4.99
C GLN A 199 24.41 -13.52 -5.03
N GLN A 200 25.08 -13.75 -3.90
CA GLN A 200 26.26 -14.60 -3.92
C GLN A 200 25.89 -16.07 -3.95
N LEU A 201 24.80 -16.47 -3.29
CA LEU A 201 24.34 -17.85 -3.48
C LEU A 201 23.91 -18.09 -4.93
N ALA A 202 23.35 -17.07 -5.60
CA ALA A 202 23.17 -17.15 -7.05
C ALA A 202 24.50 -17.41 -7.77
N LEU A 203 25.54 -16.63 -7.43
CA LEU A 203 26.86 -16.88 -7.97
C LEU A 203 27.32 -18.30 -7.66
N GLN A 204 27.09 -18.76 -6.44
N GLN A 204 27.06 -18.77 -6.44
CA GLN A 204 27.44 -20.15 -6.11
CA GLN A 204 27.39 -20.14 -6.08
C GLN A 204 26.73 -21.12 -7.06
C GLN A 204 26.72 -21.13 -7.02
N TRP A 205 25.44 -20.92 -7.30
CA TRP A 205 24.70 -21.84 -8.15
C TRP A 205 25.31 -21.89 -9.54
N VAL A 206 25.73 -20.73 -10.08
CA VAL A 206 26.38 -20.69 -11.38
C VAL A 206 27.67 -21.49 -11.36
N GLN A 207 28.44 -21.37 -10.29
CA GLN A 207 29.68 -22.13 -10.16
C GLN A 207 29.44 -23.62 -10.29
N LYS A 208 28.36 -24.12 -9.70
CA LYS A 208 28.16 -25.56 -9.64
C LYS A 208 27.36 -26.10 -10.82
N ASN A 209 26.49 -25.29 -11.43
CA ASN A 209 25.51 -25.79 -12.39
C ASN A 209 25.73 -25.35 -13.82
N ILE A 210 26.40 -24.22 -14.05
CA ILE A 210 26.39 -23.64 -15.39
C ILE A 210 27.04 -24.56 -16.41
N ALA A 211 27.97 -25.42 -16.00
CA ALA A 211 28.54 -26.38 -16.94
C ALA A 211 27.44 -27.19 -17.63
N ALA A 212 26.49 -27.72 -16.83
CA ALA A 212 25.33 -28.40 -17.40
C ALA A 212 24.79 -27.64 -18.61
N PHE A 213 24.64 -26.33 -18.52
CA PHE A 213 24.08 -25.49 -19.56
C PHE A 213 25.06 -25.16 -20.69
N GLY A 214 26.28 -25.69 -20.64
CA GLY A 214 27.28 -25.32 -21.62
C GLY A 214 28.05 -24.08 -21.25
N GLY A 215 28.07 -23.71 -19.97
CA GLY A 215 28.79 -22.56 -19.51
C GLY A 215 30.10 -22.96 -18.87
N ASN A 216 30.99 -21.98 -18.75
CA ASN A 216 32.33 -22.17 -18.20
C ASN A 216 32.47 -21.46 -16.86
N PRO A 217 32.33 -22.18 -15.71
CA PRO A 217 32.41 -21.53 -14.39
C PRO A 217 33.75 -20.87 -14.10
N LYS A 218 34.64 -20.84 -15.10
CA LYS A 218 35.90 -20.14 -14.99
C LYS A 218 36.01 -19.00 -16.02
N SER A 219 34.91 -18.64 -16.68
CA SER A 219 34.85 -17.37 -17.40
C SER A 219 33.53 -16.72 -17.02
N VAL A 220 33.54 -16.05 -15.87
CA VAL A 220 32.37 -15.47 -15.23
C VAL A 220 32.71 -14.02 -14.92
N THR A 221 31.94 -13.08 -15.48
CA THR A 221 32.18 -11.66 -15.22
C THR A 221 30.87 -11.03 -14.81
N LEU A 222 30.85 -10.40 -13.64
CA LEU A 222 29.65 -9.74 -13.18
C LEU A 222 29.50 -8.40 -13.89
N PHE A 223 28.26 -7.96 -14.02
CA PHE A 223 28.01 -6.62 -14.50
C PHE A 223 26.67 -6.18 -13.96
N GLY A 224 26.65 -4.96 -13.42
CA GLY A 224 25.45 -4.37 -12.86
C GLY A 224 25.45 -2.90 -13.19
N GLU A 225 24.37 -2.25 -12.83
CA GLU A 225 24.27 -0.82 -12.97
C GLU A 225 23.75 -0.24 -11.67
N SER A 226 24.24 0.93 -11.27
CA SER A 226 23.65 1.65 -10.13
C SER A 226 23.86 0.84 -8.85
N ALA A 227 22.83 0.55 -8.09
CA ALA A 227 23.06 -0.26 -6.90
C ALA A 227 23.64 -1.60 -7.29
N GLY A 228 23.28 -2.08 -8.49
CA GLY A 228 23.89 -3.28 -9.02
C GLY A 228 25.39 -3.13 -9.22
N ALA A 229 25.79 -2.07 -9.95
CA ALA A 229 27.20 -1.71 -9.98
C ALA A 229 27.81 -1.69 -8.57
N ALA A 230 27.15 -1.02 -7.62
CA ALA A 230 27.68 -1.02 -6.25
C ALA A 230 27.69 -2.42 -5.67
N SER A 231 26.76 -3.27 -6.06
CA SER A 231 26.80 -4.64 -5.57
C SER A 231 28.03 -5.38 -6.10
N VAL A 232 28.33 -5.23 -7.39
CA VAL A 232 29.42 -6.02 -7.93
C VAL A 232 30.75 -5.52 -7.42
N SER A 233 30.88 -4.21 -7.15
CA SER A 233 32.08 -3.71 -6.49
C SER A 233 32.23 -4.32 -5.09
N LEU A 234 31.11 -4.49 -4.37
CA LEU A 234 31.18 -5.15 -3.09
C LEU A 234 31.56 -6.61 -3.22
N HIS A 235 31.21 -7.25 -4.33
CA HIS A 235 31.66 -8.61 -4.50
C HIS A 235 33.17 -8.68 -4.63
N LEU A 236 33.78 -7.66 -5.25
CA LEU A 236 35.24 -7.65 -5.36
C LEU A 236 35.91 -7.70 -3.99
N LEU A 237 35.33 -7.02 -2.99
CA LEU A 237 35.96 -7.01 -1.66
C LEU A 237 35.58 -8.20 -0.78
N SER A 238 34.49 -8.89 -1.07
CA SER A 238 34.03 -9.94 -0.16
C SER A 238 34.82 -11.22 -0.38
N PRO A 239 35.59 -11.68 0.61
CA PRO A 239 36.30 -12.97 0.47
C PRO A 239 35.38 -14.12 0.06
N GLY A 240 34.13 -14.14 0.54
CA GLY A 240 33.19 -15.20 0.19
C GLY A 240 32.90 -15.29 -1.29
N SER A 241 33.09 -14.20 -2.03
CA SER A 241 32.76 -14.14 -3.45
C SER A 241 33.99 -14.16 -4.36
N HIS A 242 35.19 -14.32 -3.82
CA HIS A 242 36.41 -14.21 -4.64
CA HIS A 242 36.35 -14.17 -4.69
C HIS A 242 36.50 -15.34 -5.66
N SER A 243 36.05 -16.53 -5.31
CA SER A 243 36.22 -17.68 -6.18
C SER A 243 35.00 -17.97 -7.07
N LEU A 244 33.99 -17.10 -7.09
CA LEU A 244 32.79 -17.39 -7.88
C LEU A 244 32.70 -16.56 -9.15
N PHE A 245 33.67 -15.70 -9.43
CA PHE A 245 33.70 -14.95 -10.68
C PHE A 245 35.15 -14.62 -11.01
N THR A 246 35.36 -14.05 -12.21
CA THR A 246 36.69 -13.64 -12.64
C THR A 246 36.82 -12.14 -12.84
N ARG A 247 35.97 -11.51 -13.67
CA ARG A 247 36.08 -10.09 -14.01
C ARG A 247 34.84 -9.32 -13.56
N ALA A 248 34.92 -7.99 -13.68
CA ALA A 248 33.89 -7.13 -13.12
C ALA A 248 33.56 -5.99 -14.06
N ILE A 249 32.26 -5.73 -14.25
CA ILE A 249 31.81 -4.54 -14.97
C ILE A 249 30.92 -3.71 -14.04
N LEU A 250 31.20 -2.40 -14.01
CA LEU A 250 30.62 -1.41 -13.13
C LEU A 250 29.98 -0.29 -13.95
N GLN A 251 28.66 -0.25 -14.02
CA GLN A 251 28.00 0.81 -14.78
C GLN A 251 27.29 1.76 -13.81
N SER A 252 27.76 3.00 -13.74
CA SER A 252 27.05 4.06 -13.00
C SER A 252 26.87 3.73 -11.52
N GLY A 253 27.82 3.00 -10.92
CA GLY A 253 27.79 2.76 -9.50
C GLY A 253 29.05 2.13 -8.92
N SER A 254 29.32 2.39 -7.64
CA SER A 254 30.47 1.89 -6.90
C SER A 254 30.24 2.09 -5.41
N PHE A 255 30.81 1.19 -4.59
CA PHE A 255 30.47 1.18 -3.17
C PHE A 255 30.85 2.47 -2.45
N ASN A 256 31.85 3.19 -2.93
CA ASN A 256 32.30 4.41 -2.29
C ASN A 256 31.39 5.59 -2.57
N ALA A 257 30.36 5.44 -3.39
CA ALA A 257 29.42 6.53 -3.60
C ALA A 257 28.72 6.87 -2.29
N PRO A 258 28.40 8.14 -2.06
CA PRO A 258 27.85 8.54 -0.75
C PRO A 258 26.62 7.77 -0.34
N TRP A 259 25.79 7.33 -1.29
CA TRP A 259 24.53 6.64 -1.04
C TRP A 259 24.66 5.13 -0.85
N ALA A 260 25.85 4.56 -0.86
CA ALA A 260 25.91 3.11 -1.09
C ALA A 260 26.06 2.29 0.18
N VAL A 261 26.86 2.74 1.15
CA VAL A 261 27.08 1.96 2.37
C VAL A 261 26.56 2.74 3.57
N THR A 262 25.83 2.06 4.45
CA THR A 262 25.25 2.64 5.65
C THR A 262 26.04 2.20 6.87
N SER A 263 26.50 3.17 7.66
CA SER A 263 27.29 2.84 8.82
C SER A 263 26.42 2.24 9.92
N LEU A 264 27.04 1.43 10.77
CA LEU A 264 26.34 0.69 11.81
C LEU A 264 25.50 1.56 12.73
N TYR A 265 25.83 2.83 12.90
CA TYR A 265 24.99 3.65 13.79
C TYR A 265 23.63 3.91 13.16
N GLU A 266 23.60 4.31 11.88
CA GLU A 266 22.31 4.59 11.24
C GLU A 266 21.56 3.30 10.95
N ALA A 267 22.26 2.29 10.44
CA ALA A 267 21.71 0.95 10.33
C ALA A 267 20.86 0.55 11.55
N ARG A 268 21.43 0.63 12.76
CA ARG A 268 20.64 0.36 13.94
C ARG A 268 19.60 1.43 14.17
N ASN A 269 19.94 2.70 13.88
CA ASN A 269 19.00 3.77 14.16
C ASN A 269 17.80 3.67 13.25
N ARG A 270 17.89 2.91 12.16
CA ARG A 270 16.73 2.73 11.30
C ARG A 270 16.08 1.36 11.44
N THR A 271 16.78 0.34 11.93
CA THR A 271 16.08 -0.89 12.31
C THR A 271 15.20 -0.63 13.53
N LEU A 272 15.82 -0.30 14.67
CA LEU A 272 15.06 0.13 15.85
C LEU A 272 14.04 1.21 15.53
N ASN A 273 14.33 2.08 14.56
CA ASN A 273 13.25 2.93 14.11
C ASN A 273 12.12 2.09 13.53
N LEU A 274 12.37 1.39 12.44
CA LEU A 274 11.26 0.67 11.80
C LEU A 274 10.41 -0.02 12.86
N ALA A 275 11.08 -0.57 13.88
CA ALA A 275 10.37 -1.11 15.03
C ALA A 275 9.33 -0.15 15.63
N LYS A 276 9.63 1.16 15.71
CA LYS A 276 8.65 1.97 16.45
C LYS A 276 7.40 2.20 15.59
N LEU A 277 7.53 2.28 14.27
CA LEU A 277 6.32 2.59 13.52
C LEU A 277 5.53 1.34 13.14
N THR A 278 6.04 0.16 13.43
CA THR A 278 5.26 -1.06 13.27
C THR A 278 4.80 -1.63 14.60
N GLY A 279 4.87 -0.84 15.67
CA GLY A 279 4.48 -1.30 16.99
C GLY A 279 5.28 -2.49 17.46
N CYS A 280 6.57 -2.52 17.15
CA CYS A 280 7.40 -3.64 17.57
C CYS A 280 8.42 -3.27 18.64
N SER A 281 8.59 -2.00 19.00
CA SER A 281 9.60 -1.56 19.97
C SER A 281 9.64 -2.38 21.26
N ARG A 282 10.62 -3.30 21.40
CA ARG A 282 10.85 -4.07 22.63
C ARG A 282 12.23 -3.85 23.25
N GLU A 283 12.52 -4.66 24.28
CA GLU A 283 13.67 -4.54 25.15
C GLU A 283 14.79 -5.47 24.74
N ASN A 284 14.43 -6.59 24.09
CA ASN A 284 15.35 -7.69 23.84
C ASN A 284 15.40 -7.86 22.33
N GLU A 285 16.54 -7.53 21.71
CA GLU A 285 16.71 -7.63 20.26
C GLU A 285 16.16 -8.94 19.74
N THR A 286 16.34 -10.03 20.47
CA THR A 286 15.86 -11.31 19.96
C THR A 286 14.35 -11.47 20.02
N GLU A 287 13.61 -10.36 20.16
CA GLU A 287 12.15 -10.44 19.99
C GLU A 287 11.55 -9.22 19.31
N ILE A 288 12.26 -8.10 19.18
CA ILE A 288 11.98 -7.13 18.12
C ILE A 288 11.84 -7.87 16.80
N ILE A 289 12.71 -8.86 16.60
CA ILE A 289 12.85 -9.49 15.31
C ILE A 289 11.70 -10.43 15.06
N LYS A 290 11.32 -11.18 16.10
CA LYS A 290 10.17 -12.07 15.99
C LYS A 290 8.88 -11.28 15.83
N CYS A 291 8.75 -10.15 16.53
CA CYS A 291 7.62 -9.26 16.27
C CYS A 291 7.59 -8.81 14.81
N LEU A 292 8.74 -8.40 14.27
CA LEU A 292 8.76 -7.89 12.90
C LEU A 292 8.42 -8.92 11.85
N ARG A 293 8.59 -10.23 12.12
CA ARG A 293 8.25 -11.23 11.10
C ARG A 293 6.77 -11.65 11.16
N ASN A 294 6.04 -11.34 12.24
CA ASN A 294 4.57 -11.48 12.24
C ASN A 294 3.86 -10.26 11.67
N LYS A 295 4.57 -9.18 11.34
CA LYS A 295 3.96 -8.09 10.61
C LYS A 295 3.86 -8.48 9.14
N ASP A 296 2.70 -8.24 8.54
CA ASP A 296 2.55 -8.70 7.17
C ASP A 296 3.47 -7.88 6.28
N PRO A 297 3.93 -8.45 5.16
CA PRO A 297 5.01 -7.85 4.38
C PRO A 297 4.83 -6.40 4.03
N GLN A 298 3.60 -5.95 3.89
CA GLN A 298 3.43 -4.61 3.35
C GLN A 298 3.45 -3.51 4.39
N GLU A 299 3.00 -3.74 5.65
CA GLU A 299 3.19 -2.65 6.60
C GLU A 299 4.66 -2.45 6.93
N ILE A 300 5.51 -3.42 6.60
CA ILE A 300 6.94 -3.18 6.58
C ILE A 300 7.29 -2.18 5.49
N LEU A 301 6.82 -2.42 4.26
CA LEU A 301 7.35 -1.67 3.14
C LEU A 301 6.95 -0.20 3.16
N LEU A 302 5.80 0.16 3.72
CA LEU A 302 5.43 1.57 3.62
C LEU A 302 5.86 2.43 4.81
N ASN A 303 6.36 1.83 5.89
CA ASN A 303 7.05 2.63 6.89
C ASN A 303 8.54 2.69 6.64
N GLU A 304 9.03 1.95 5.64
CA GLU A 304 10.42 2.01 5.21
C GLU A 304 10.84 3.43 4.87
N ALA A 305 9.90 4.23 4.37
CA ALA A 305 10.21 5.57 3.90
C ALA A 305 10.47 6.57 5.02
N PHE A 306 10.02 6.28 6.24
CA PHE A 306 10.11 7.21 7.36
C PHE A 306 11.25 6.92 8.34
N VAL A 307 11.96 5.80 8.20
CA VAL A 307 12.94 5.37 9.20
C VAL A 307 14.04 6.42 9.36
N VAL A 308 13.98 7.45 8.54
CA VAL A 308 14.99 8.51 8.49
C VAL A 308 14.25 9.82 8.61
N PRO A 309 14.75 10.79 9.40
CA PRO A 309 14.05 12.08 9.49
C PRO A 309 14.00 12.80 8.15
N TYR A 310 15.13 13.35 7.72
CA TYR A 310 15.23 14.00 6.44
C TYR A 310 15.72 13.00 5.40
N GLY A 311 15.13 13.05 4.21
CA GLY A 311 15.56 12.23 3.11
C GLY A 311 15.96 13.08 1.91
N THR A 312 16.37 12.39 0.86
CA THR A 312 16.62 12.96 -0.45
C THR A 312 15.96 12.05 -1.46
N PRO A 313 15.89 12.44 -2.72
CA PRO A 313 15.43 11.48 -3.74
C PRO A 313 16.35 10.28 -3.85
N LEU A 314 17.57 10.37 -3.33
CA LEU A 314 18.53 9.29 -3.40
C LEU A 314 18.60 8.45 -2.14
N SER A 315 17.66 8.63 -1.21
CA SER A 315 17.81 8.01 0.10
C SER A 315 17.71 6.50 -0.02
N VAL A 316 18.82 5.84 0.30
CA VAL A 316 18.90 4.39 0.44
C VAL A 316 18.65 4.10 1.92
N ASN A 317 17.38 3.78 2.26
CA ASN A 317 17.00 3.65 3.67
C ASN A 317 17.60 2.40 4.30
N PHE A 318 17.75 1.32 3.52
CA PHE A 318 18.34 0.08 4.02
C PHE A 318 19.25 -0.47 2.91
N GLY A 319 20.55 -0.23 3.02
CA GLY A 319 21.48 -0.80 2.08
C GLY A 319 22.52 -1.71 2.70
N PRO A 320 23.62 -1.91 1.99
CA PRO A 320 24.76 -2.64 2.56
C PRO A 320 25.26 -1.97 3.83
N THR A 321 25.78 -2.81 4.73
CA THR A 321 26.40 -2.34 5.95
C THR A 321 27.71 -3.11 6.16
N VAL A 322 28.53 -2.65 7.11
CA VAL A 322 29.67 -3.45 7.52
C VAL A 322 29.16 -4.48 8.53
N ASP A 323 29.21 -5.75 8.16
CA ASP A 323 28.62 -6.76 9.01
C ASP A 323 29.64 -7.70 9.61
N GLY A 324 30.90 -7.62 9.19
CA GLY A 324 31.85 -8.61 9.64
C GLY A 324 31.63 -9.98 9.06
N ASP A 325 30.73 -10.12 8.09
CA ASP A 325 30.59 -11.39 7.38
C ASP A 325 30.87 -11.19 5.90
N PHE A 326 29.90 -10.63 5.18
CA PHE A 326 30.10 -10.37 3.75
C PHE A 326 31.22 -9.35 3.57
N LEU A 327 31.14 -8.25 4.30
CA LEU A 327 32.16 -7.22 4.30
C LEU A 327 32.75 -7.21 5.70
N THR A 328 34.05 -7.50 5.82
CA THR A 328 34.59 -7.68 7.15
C THR A 328 34.98 -6.37 7.85
N ASP A 329 35.09 -5.26 7.12
CA ASP A 329 35.06 -3.93 7.73
C ASP A 329 34.97 -2.91 6.59
N MET A 330 34.75 -1.66 6.96
CA MET A 330 34.59 -0.44 6.16
C MET A 330 35.24 -0.55 4.78
N PRO A 331 34.45 -0.58 3.71
CA PRO A 331 35.01 -0.89 2.40
C PRO A 331 36.06 0.11 1.90
N ASP A 332 35.88 1.42 2.16
CA ASP A 332 36.91 2.38 1.76
C ASP A 332 38.27 2.03 2.32
N ILE A 333 38.34 1.40 3.51
CA ILE A 333 39.65 1.09 4.09
C ILE A 333 40.30 -0.08 3.34
N LEU A 334 39.53 -1.16 3.05
CA LEU A 334 40.19 -2.33 2.48
C LEU A 334 40.63 -2.12 1.04
N LEU A 335 39.92 -1.32 0.25
CA LEU A 335 40.42 -1.04 -1.07
C LEU A 335 41.54 -0.02 -0.95
N GLU A 336 41.51 0.96 -0.03
CA GLU A 336 42.68 1.85 0.11
C GLU A 336 43.93 1.08 0.53
N LEU A 337 43.78 0.09 1.38
CA LEU A 337 44.80 -0.88 1.73
C LEU A 337 44.93 -1.98 0.67
N GLY A 338 44.03 -2.00 -0.31
CA GLY A 338 44.10 -2.97 -1.39
C GLY A 338 43.93 -4.44 -1.02
N GLN A 339 42.90 -4.78 -0.24
CA GLN A 339 42.55 -6.17 0.02
C GLN A 339 41.32 -6.55 -0.82
N PHE A 340 41.56 -6.75 -2.10
CA PHE A 340 40.46 -7.10 -2.98
C PHE A 340 40.94 -8.06 -4.05
N LYS A 341 39.97 -8.70 -4.69
CA LYS A 341 40.25 -9.52 -5.86
C LYS A 341 41.05 -8.70 -6.86
N LYS A 342 42.10 -9.31 -7.40
CA LYS A 342 42.95 -8.68 -8.41
C LYS A 342 42.53 -9.15 -9.79
N THR A 343 42.06 -8.23 -10.61
CA THR A 343 41.48 -8.55 -11.91
C THR A 343 41.15 -7.27 -12.66
N GLN A 344 40.90 -7.40 -13.97
CA GLN A 344 40.46 -6.32 -14.84
C GLN A 344 39.02 -5.92 -14.51
N ILE A 345 38.74 -4.61 -14.60
CA ILE A 345 37.41 -4.07 -14.37
C ILE A 345 37.09 -3.07 -15.47
N LEU A 346 35.79 -2.87 -15.68
CA LEU A 346 35.26 -1.98 -16.71
C LEU A 346 34.21 -1.10 -16.05
N VAL A 347 34.47 0.21 -15.94
CA VAL A 347 33.60 1.10 -15.18
C VAL A 347 33.42 2.42 -15.90
N GLY A 348 32.19 2.91 -15.95
CA GLY A 348 31.91 4.18 -16.57
C GLY A 348 30.67 4.80 -15.99
N VAL A 349 30.25 5.92 -16.60
CA VAL A 349 29.16 6.74 -16.12
C VAL A 349 28.51 7.39 -17.33
N ASN A 350 27.35 7.99 -17.11
CA ASN A 350 26.66 8.76 -18.15
C ASN A 350 26.76 10.24 -17.78
N LYS A 351 26.28 11.10 -18.67
CA LYS A 351 26.66 12.52 -18.63
C LYS A 351 25.78 13.34 -17.73
N ASP A 352 24.49 13.14 -17.89
CA ASP A 352 23.50 13.91 -17.15
C ASP A 352 22.92 12.92 -16.16
N GLU A 353 23.80 12.28 -15.38
CA GLU A 353 23.35 11.29 -14.41
C GLU A 353 22.59 11.92 -13.27
N GLY A 354 22.90 13.17 -12.94
CA GLY A 354 22.16 13.88 -11.91
C GLY A 354 20.73 14.25 -12.28
N THR A 355 20.42 14.38 -13.57
CA THR A 355 19.15 15.02 -13.96
C THR A 355 17.93 14.22 -13.51
N ALA A 356 17.97 12.89 -13.56
CA ALA A 356 16.77 12.12 -13.27
C ALA A 356 16.19 12.44 -11.90
N PHE A 357 17.03 12.74 -10.92
CA PHE A 357 16.54 12.80 -9.54
C PHE A 357 15.94 14.13 -9.17
N LEU A 358 16.09 15.16 -10.00
CA LEU A 358 15.61 16.47 -9.60
C LEU A 358 14.12 16.66 -9.86
N VAL A 359 13.49 15.72 -10.54
CA VAL A 359 12.04 15.79 -10.68
C VAL A 359 11.39 15.05 -9.54
N TYR A 360 12.17 14.71 -8.53
CA TYR A 360 11.60 14.05 -7.35
C TYR A 360 11.87 14.82 -6.06
N GLY A 361 12.02 16.14 -6.14
CA GLY A 361 12.16 16.95 -4.95
C GLY A 361 12.45 18.41 -5.22
N ALA A 362 13.19 18.68 -6.29
CA ALA A 362 13.86 19.99 -6.31
C ALA A 362 12.92 21.09 -6.84
N PRO A 363 12.80 22.21 -6.14
CA PRO A 363 11.77 23.21 -6.48
C PRO A 363 12.06 23.90 -7.80
N GLY A 364 11.04 24.01 -8.63
CA GLY A 364 11.15 24.56 -9.96
C GLY A 364 11.33 23.52 -11.05
N PHE A 365 11.46 22.25 -10.69
CA PHE A 365 11.74 21.19 -11.64
C PHE A 365 10.48 20.41 -11.94
N SER A 366 10.26 20.14 -13.22
CA SER A 366 9.11 19.36 -13.65
C SER A 366 9.47 18.61 -14.94
N LYS A 367 8.90 17.43 -15.09
CA LYS A 367 8.99 16.70 -16.34
C LYS A 367 8.27 17.40 -17.50
N ASP A 368 7.50 18.45 -17.23
CA ASP A 368 6.60 19.01 -18.24
C ASP A 368 6.89 20.46 -18.59
N ASN A 369 8.08 20.98 -18.25
CA ASN A 369 8.56 22.26 -18.76
C ASN A 369 10.08 22.24 -18.80
N ASN A 370 10.67 23.33 -19.32
CA ASN A 370 12.12 23.41 -19.49
C ASN A 370 12.85 23.57 -18.18
N SER A 371 12.14 23.95 -17.10
CA SER A 371 12.66 23.92 -15.73
C SER A 371 13.79 24.92 -15.51
N ILE A 372 13.63 26.14 -16.01
CA ILE A 372 14.66 27.17 -15.87
C ILE A 372 14.57 27.69 -14.43
N ILE A 373 15.51 27.27 -13.57
CA ILE A 373 15.46 27.69 -12.18
C ILE A 373 16.20 29.01 -12.01
N THR A 374 15.81 29.74 -10.98
CA THR A 374 16.51 30.90 -10.46
C THR A 374 17.39 30.48 -9.29
N ARG A 375 18.40 31.32 -8.98
CA ARG A 375 19.46 30.95 -8.06
C ARG A 375 18.93 30.55 -6.70
N LYS A 376 17.89 31.28 -6.25
CA LYS A 376 17.28 30.96 -4.98
C LYS A 376 16.70 29.55 -4.98
N GLU A 377 16.01 29.19 -6.07
CA GLU A 377 15.55 27.81 -6.22
C GLU A 377 16.74 26.85 -6.22
N PHE A 378 17.86 27.27 -6.80
CA PHE A 378 19.04 26.43 -6.79
C PHE A 378 19.54 26.21 -5.38
N GLN A 379 19.47 27.25 -4.55
CA GLN A 379 19.92 27.13 -3.17
C GLN A 379 18.97 26.25 -2.37
N GLU A 380 17.67 26.30 -2.65
CA GLU A 380 16.79 25.38 -1.94
C GLU A 380 16.91 23.98 -2.52
N GLY A 381 17.17 23.85 -3.83
CA GLY A 381 17.48 22.54 -4.36
C GLY A 381 18.62 21.86 -3.62
N LEU A 382 19.68 22.62 -3.28
CA LEU A 382 20.83 22.04 -2.60
C LEU A 382 20.48 21.48 -1.24
N LYS A 383 19.64 22.20 -0.44
CA LYS A 383 19.24 21.67 0.87
C LYS A 383 18.43 20.40 0.77
N ILE A 384 17.65 20.19 -0.29
CA ILE A 384 17.00 18.90 -0.35
C ILE A 384 18.03 17.82 -0.56
N PHE A 385 19.01 18.08 -1.40
CA PHE A 385 19.98 17.05 -1.75
C PHE A 385 21.17 17.01 -0.80
N PHE A 386 21.24 17.95 0.14
CA PHE A 386 22.28 17.95 1.16
C PHE A 386 21.66 18.51 2.44
N PRO A 387 20.66 17.84 3.00
CA PRO A 387 19.84 18.53 4.01
C PRO A 387 20.62 18.96 5.23
N GLY A 388 21.69 18.24 5.58
CA GLY A 388 22.54 18.73 6.62
C GLY A 388 23.60 17.74 7.05
N VAL A 389 24.90 18.01 6.84
CA VAL A 389 25.55 19.09 6.05
C VAL A 389 25.23 20.57 6.44
N SER A 390 26.29 21.24 6.89
CA SER A 390 26.25 22.60 7.43
C SER A 390 25.85 23.61 6.36
N GLU A 391 25.42 24.79 6.81
CA GLU A 391 24.99 25.81 5.86
C GLU A 391 26.15 26.25 5.00
N PHE A 392 27.34 26.35 5.57
CA PHE A 392 28.38 26.82 4.70
C PHE A 392 28.72 25.78 3.62
N GLY A 393 28.93 24.52 4.01
CA GLY A 393 29.17 23.45 3.05
C GLY A 393 28.42 23.68 1.76
N LYS A 394 27.17 24.15 1.89
CA LYS A 394 26.39 24.48 0.70
C LYS A 394 26.94 25.68 -0.03
N GLU A 395 27.36 26.71 0.68
CA GLU A 395 27.75 27.87 -0.10
C GLU A 395 29.01 27.57 -0.90
N SER A 396 29.88 26.71 -0.36
CA SER A 396 31.06 26.40 -1.14
C SER A 396 30.73 25.45 -2.30
N ILE A 397 29.76 24.52 -2.13
CA ILE A 397 29.25 23.79 -3.30
C ILE A 397 28.69 24.78 -4.30
N LEU A 398 27.84 25.70 -3.83
CA LEU A 398 27.28 26.67 -4.76
C LEU A 398 28.43 27.35 -5.47
N PHE A 399 29.31 28.00 -4.70
CA PHE A 399 30.44 28.71 -5.30
C PHE A 399 31.06 27.92 -6.44
N HIS A 400 31.63 26.75 -6.13
CA HIS A 400 32.45 26.02 -7.09
CA HIS A 400 32.45 26.05 -7.10
C HIS A 400 31.71 25.75 -8.41
N TYR A 401 30.38 25.73 -8.41
CA TYR A 401 29.67 25.43 -9.66
C TYR A 401 29.06 26.67 -10.29
N THR A 402 28.67 27.66 -9.51
CA THR A 402 28.05 28.88 -10.04
C THR A 402 28.96 29.68 -10.95
N ASP A 403 30.13 29.17 -11.28
CA ASP A 403 31.11 30.05 -11.89
CA ASP A 403 31.14 30.00 -11.89
C ASP A 403 30.79 30.12 -13.37
N TRP A 404 29.77 30.93 -13.62
CA TRP A 404 29.17 31.00 -14.93
C TRP A 404 30.20 31.30 -15.98
N VAL A 405 29.97 30.71 -17.12
CA VAL A 405 30.71 30.92 -18.30
C VAL A 405 29.67 31.44 -19.33
N ASP A 406 29.05 32.62 -19.15
CA ASP A 406 29.01 33.55 -18.00
C ASP A 406 27.53 33.73 -17.57
N ASP A 407 27.19 34.80 -16.81
CA ASP A 407 25.85 34.94 -16.20
C ASP A 407 24.72 35.06 -17.23
N GLN A 408 25.03 34.83 -18.51
CA GLN A 408 24.13 35.09 -19.64
C GLN A 408 22.87 34.21 -19.55
N ARG A 409 22.92 33.11 -20.29
CA ARG A 409 22.16 31.87 -20.39
C ARG A 409 21.24 31.59 -19.21
N PRO A 410 19.94 31.44 -19.48
CA PRO A 410 19.00 31.15 -18.38
C PRO A 410 19.12 29.73 -17.87
N GLU A 411 19.62 28.81 -18.70
CA GLU A 411 19.66 27.40 -18.36
C GLU A 411 20.62 27.08 -17.21
N ASN A 412 21.55 27.98 -16.89
CA ASN A 412 22.77 27.50 -16.25
C ASN A 412 22.56 27.11 -14.79
N TYR A 413 21.63 27.73 -14.06
CA TYR A 413 21.31 27.18 -12.74
C TYR A 413 20.76 25.77 -12.86
N ARG A 414 19.85 25.55 -13.80
CA ARG A 414 19.29 24.22 -14.02
C ARG A 414 20.39 23.18 -14.25
N GLU A 415 21.30 23.43 -15.20
CA GLU A 415 22.32 22.41 -15.45
C GLU A 415 23.25 22.28 -14.26
N ALA A 416 23.49 23.37 -13.54
CA ALA A 416 24.40 23.30 -12.42
C ALA A 416 23.92 22.31 -11.36
N LEU A 417 22.60 22.28 -11.11
CA LEU A 417 22.10 21.43 -10.02
C LEU A 417 22.07 19.96 -10.45
N GLY A 418 21.92 19.69 -11.75
CA GLY A 418 22.12 18.33 -12.22
C GLY A 418 23.56 17.87 -12.05
N ASP A 419 24.52 18.74 -12.38
CA ASP A 419 25.92 18.32 -12.30
C ASP A 419 26.31 18.05 -10.85
N VAL A 420 25.87 18.88 -9.90
CA VAL A 420 26.26 18.65 -8.50
C VAL A 420 25.80 17.28 -8.03
N VAL A 421 24.53 16.95 -8.32
CA VAL A 421 23.98 15.66 -7.90
C VAL A 421 24.67 14.51 -8.63
N GLY A 422 24.92 14.68 -9.93
CA GLY A 422 25.56 13.62 -10.70
C GLY A 422 27.01 13.40 -10.29
N ASP A 423 27.78 14.50 -10.16
CA ASP A 423 29.20 14.37 -9.85
C ASP A 423 29.40 13.86 -8.43
N TYR A 424 28.62 14.41 -7.48
CA TYR A 424 28.73 13.97 -6.10
C TYR A 424 28.39 12.49 -5.98
N ASN A 425 27.25 12.08 -6.56
CA ASN A 425 26.66 10.78 -6.27
C ASN A 425 27.21 9.65 -7.14
N PHE A 426 27.74 9.94 -8.33
CA PHE A 426 28.05 8.85 -9.24
C PHE A 426 29.40 9.01 -9.90
N ILE A 427 29.60 10.14 -10.58
CA ILE A 427 30.77 10.30 -11.43
C ILE A 427 32.03 10.27 -10.58
N CYS A 428 32.21 11.24 -9.69
CA CYS A 428 33.48 11.30 -8.96
C CYS A 428 33.75 10.03 -8.18
N PRO A 429 32.77 9.34 -7.61
CA PRO A 429 33.10 8.06 -6.97
C PRO A 429 33.65 7.04 -7.97
N ALA A 430 33.00 6.88 -9.13
CA ALA A 430 33.47 5.91 -10.12
C ALA A 430 34.94 6.15 -10.47
N LEU A 431 35.25 7.37 -10.92
CA LEU A 431 36.63 7.78 -11.15
C LEU A 431 37.51 7.43 -9.95
N GLU A 432 37.16 7.96 -8.77
CA GLU A 432 37.98 7.71 -7.60
C GLU A 432 37.96 6.25 -7.19
N PHE A 433 36.91 5.50 -7.56
CA PHE A 433 36.97 4.05 -7.38
C PHE A 433 38.05 3.48 -8.28
N THR A 434 37.81 3.53 -9.59
CA THR A 434 38.72 2.86 -10.52
C THR A 434 40.13 3.37 -10.38
N LYS A 435 40.30 4.65 -10.04
CA LYS A 435 41.62 5.23 -9.87
C LYS A 435 42.45 4.37 -8.94
N LYS A 436 41.88 4.07 -7.81
CA LYS A 436 42.68 3.36 -6.85
C LYS A 436 42.62 1.85 -7.01
N PHE A 437 41.66 1.34 -7.78
CA PHE A 437 41.72 -0.08 -8.09
C PHE A 437 42.88 -0.40 -9.04
N SER A 438 43.26 0.55 -9.91
CA SER A 438 44.36 0.33 -10.84
C SER A 438 45.73 0.44 -10.15
N GLU A 439 45.86 1.33 -9.15
CA GLU A 439 47.15 1.58 -8.51
C GLU A 439 47.73 0.36 -7.84
N TRP A 440 47.05 -0.78 -7.96
CA TRP A 440 47.54 -2.06 -7.47
C TRP A 440 47.76 -3.05 -8.60
N GLY A 441 47.97 -2.53 -9.81
CA GLY A 441 48.49 -3.33 -10.90
C GLY A 441 47.46 -3.88 -11.86
N ASN A 442 46.18 -3.61 -11.65
CA ASN A 442 45.18 -4.26 -12.48
C ASN A 442 44.74 -3.37 -13.64
N ASN A 443 44.32 -4.04 -14.72
CA ASN A 443 43.85 -3.37 -15.92
C ASN A 443 42.46 -2.81 -15.71
N ALA A 444 42.32 -1.49 -15.83
CA ALA A 444 41.02 -0.87 -15.71
C ALA A 444 40.76 -0.04 -16.97
N PHE A 445 39.51 -0.08 -17.44
CA PHE A 445 39.06 0.67 -18.60
C PHE A 445 37.82 1.48 -18.23
N PHE A 446 37.83 2.79 -18.53
CA PHE A 446 36.77 3.71 -18.14
C PHE A 446 36.04 4.27 -19.35
N TYR A 447 34.71 4.31 -19.28
CA TYR A 447 33.89 4.79 -20.39
C TYR A 447 33.05 5.97 -19.96
N TYR A 448 32.57 6.71 -20.96
CA TYR A 448 31.71 7.88 -20.73
C TYR A 448 30.70 7.87 -21.86
N PHE A 449 29.43 7.58 -21.53
CA PHE A 449 28.42 7.20 -22.52
C PHE A 449 27.52 8.38 -22.86
N GLU A 450 27.72 9.02 -24.04
CA GLU A 450 27.09 10.32 -24.30
C GLU A 450 25.95 10.33 -25.30
N HIS A 451 25.46 9.17 -25.75
CA HIS A 451 24.29 9.23 -26.61
C HIS A 451 23.04 9.23 -25.74
N ARG A 452 22.13 10.17 -26.03
CA ARG A 452 20.77 10.11 -25.50
C ARG A 452 19.87 9.38 -26.51
N SER A 453 19.11 8.38 -26.02
CA SER A 453 18.24 7.59 -26.90
C SER A 453 17.28 8.48 -27.70
N SER A 454 17.13 8.14 -28.98
CA SER A 454 16.11 8.79 -29.80
C SER A 454 14.70 8.55 -29.27
N LYS A 455 14.53 7.52 -28.44
CA LYS A 455 13.24 7.10 -27.89
C LYS A 455 13.02 7.53 -26.45
N LEU A 456 13.94 8.28 -25.86
CA LEU A 456 13.84 8.58 -24.43
C LEU A 456 12.57 9.39 -24.13
N PRO A 457 11.72 8.92 -23.22
CA PRO A 457 10.43 9.59 -22.97
C PRO A 457 10.53 10.75 -22.01
N TRP A 458 11.70 11.03 -21.53
CA TRP A 458 11.93 12.16 -20.64
C TRP A 458 12.32 13.38 -21.47
N PRO A 459 12.00 14.57 -20.97
CA PRO A 459 12.39 15.81 -21.67
C PRO A 459 13.83 15.87 -22.12
N GLU A 460 14.07 16.64 -23.20
CA GLU A 460 15.43 16.86 -23.68
C GLU A 460 16.31 17.47 -22.60
N TRP A 461 15.77 18.39 -21.78
CA TRP A 461 16.65 19.06 -20.82
C TRP A 461 17.33 18.08 -19.89
N MET A 462 16.81 16.86 -19.74
CA MET A 462 17.44 15.88 -18.87
C MET A 462 18.68 15.27 -19.50
N GLY A 463 18.80 15.30 -20.82
CA GLY A 463 20.04 14.85 -21.44
C GLY A 463 20.24 13.36 -21.33
N VAL A 464 21.50 12.96 -21.11
CA VAL A 464 21.89 11.54 -21.20
C VAL A 464 21.72 10.95 -19.80
N MET A 465 20.53 10.42 -19.54
CA MET A 465 20.11 10.19 -18.17
C MET A 465 20.78 8.96 -17.56
N HIS A 466 20.90 9.00 -16.24
CA HIS A 466 21.17 7.81 -15.44
C HIS A 466 20.25 6.67 -15.87
N GLY A 467 20.80 5.47 -15.99
CA GLY A 467 20.03 4.29 -16.33
C GLY A 467 19.82 4.01 -17.83
N TYR A 468 19.98 5.01 -18.70
CA TYR A 468 19.66 4.84 -20.11
C TYR A 468 20.87 4.47 -20.95
N GLU A 469 21.93 3.98 -20.30
CA GLU A 469 22.96 3.19 -20.96
C GLU A 469 22.51 1.74 -21.21
N ILE A 470 21.61 1.23 -20.37
CA ILE A 470 21.44 -0.23 -20.25
C ILE A 470 20.83 -0.87 -21.48
N GLU A 471 19.85 -0.22 -22.13
CA GLU A 471 19.22 -0.86 -23.27
C GLU A 471 20.22 -1.08 -24.39
N PHE A 472 21.18 -0.16 -24.55
CA PHE A 472 22.25 -0.34 -25.50
C PHE A 472 23.14 -1.52 -25.11
N VAL A 473 23.48 -1.65 -23.83
CA VAL A 473 24.35 -2.77 -23.41
C VAL A 473 23.68 -4.10 -23.69
N PHE A 474 22.40 -4.23 -23.37
CA PHE A 474 21.66 -5.46 -23.63
C PHE A 474 21.29 -5.64 -25.10
N GLY A 475 21.47 -4.61 -25.92
CA GLY A 475 21.29 -4.74 -27.35
C GLY A 475 19.87 -4.66 -27.85
N LEU A 476 18.99 -3.92 -27.16
CA LEU A 476 17.64 -3.72 -27.66
C LEU A 476 17.61 -3.02 -29.03
N PRO A 477 18.51 -2.10 -29.38
CA PRO A 477 18.44 -1.48 -30.72
C PRO A 477 18.91 -2.38 -31.87
N LEU A 478 19.75 -3.40 -31.61
CA LEU A 478 20.06 -4.43 -32.61
C LEU A 478 18.81 -5.00 -33.27
N GLU A 479 17.71 -4.98 -32.53
CA GLU A 479 16.37 -5.37 -32.98
C GLU A 479 15.82 -4.27 -33.89
N ARG A 480 15.38 -4.61 -35.11
CA ARG A 480 15.23 -3.54 -36.10
C ARG A 480 13.79 -3.08 -36.28
N ARG A 481 12.88 -3.75 -35.63
CA ARG A 481 11.48 -3.47 -35.71
C ARG A 481 11.03 -2.46 -34.60
N ASP A 482 11.99 -1.73 -33.97
CA ASP A 482 11.77 -1.16 -32.64
C ASP A 482 11.94 0.37 -32.52
N ASN A 483 12.13 1.10 -33.61
CA ASN A 483 12.12 2.57 -33.67
C ASN A 483 13.44 3.22 -33.20
N TYR A 484 14.47 2.43 -32.93
CA TYR A 484 15.78 3.05 -32.77
C TYR A 484 16.30 3.49 -34.13
N THR A 485 17.20 4.47 -34.10
CA THR A 485 17.80 4.91 -35.34
C THR A 485 18.95 3.98 -35.71
N LYS A 486 19.21 3.93 -37.03
CA LYS A 486 20.26 3.09 -37.60
C LYS A 486 21.60 3.32 -36.90
N ALA A 487 21.92 4.58 -36.59
CA ALA A 487 23.14 4.88 -35.84
C ALA A 487 23.13 4.25 -34.47
N GLU A 488 21.95 4.11 -33.87
CA GLU A 488 21.91 3.53 -32.53
C GLU A 488 22.10 2.03 -32.57
N GLU A 489 21.63 1.39 -33.66
CA GLU A 489 21.92 -0.03 -33.85
C GLU A 489 23.42 -0.26 -33.98
N ILE A 490 24.14 0.63 -34.67
CA ILE A 490 25.57 0.39 -34.77
C ILE A 490 26.26 0.77 -33.46
N LEU A 491 25.75 1.77 -32.73
CA LEU A 491 26.32 2.04 -31.42
C LEU A 491 26.13 0.85 -30.50
N SER A 492 24.95 0.23 -30.54
CA SER A 492 24.66 -0.87 -29.63
C SER A 492 25.48 -2.11 -30.00
N ARG A 493 25.52 -2.46 -31.30
CA ARG A 493 26.31 -3.62 -31.71
C ARG A 493 27.75 -3.48 -31.23
N SER A 494 28.29 -2.27 -31.35
CA SER A 494 29.65 -1.99 -30.90
C SER A 494 29.80 -2.25 -29.40
N ILE A 495 28.99 -1.57 -28.58
CA ILE A 495 29.12 -1.72 -27.12
C ILE A 495 28.93 -3.17 -26.70
N VAL A 496 27.96 -3.86 -27.33
CA VAL A 496 27.74 -5.28 -27.04
C VAL A 496 29.01 -6.08 -27.28
N LYS A 497 29.77 -5.75 -28.35
CA LYS A 497 30.99 -6.50 -28.65
C LYS A 497 32.07 -6.21 -27.61
N ARG A 498 32.26 -4.93 -27.25
CA ARG A 498 33.28 -4.58 -26.25
C ARG A 498 33.00 -5.29 -24.93
N TRP A 499 31.81 -5.03 -24.37
CA TRP A 499 31.33 -5.73 -23.19
C TRP A 499 31.52 -7.23 -23.28
N ALA A 500 31.11 -7.81 -24.42
CA ALA A 500 31.44 -9.19 -24.72
C ALA A 500 32.91 -9.46 -24.52
N ASN A 501 33.75 -8.87 -25.37
CA ASN A 501 35.16 -9.20 -25.39
C ASN A 501 35.82 -8.98 -24.02
N PHE A 502 35.43 -7.91 -23.31
CA PHE A 502 35.93 -7.76 -21.95
C PHE A 502 35.60 -8.98 -21.10
N ALA A 503 34.46 -9.62 -21.36
CA ALA A 503 34.09 -10.80 -20.58
C ALA A 503 35.02 -11.99 -20.85
N LYS A 504 35.14 -12.45 -22.12
CA LYS A 504 36.06 -13.55 -22.46
C LYS A 504 37.52 -13.20 -22.20
N TYR A 505 38.02 -12.15 -22.85
CA TYR A 505 39.45 -11.96 -22.97
C TYR A 505 39.97 -10.82 -22.11
N GLY A 506 39.10 -10.12 -21.39
CA GLY A 506 39.59 -9.05 -20.55
C GLY A 506 40.15 -7.83 -21.27
N ASN A 507 39.75 -7.60 -22.52
CA ASN A 507 40.05 -6.33 -23.15
C ASN A 507 38.82 -5.86 -23.90
N PRO A 508 38.37 -4.64 -23.69
CA PRO A 508 37.14 -4.16 -24.33
C PRO A 508 37.34 -3.83 -25.80
N ASN A 509 37.98 -4.75 -26.52
CA ASN A 509 38.35 -4.56 -27.92
C ASN A 509 37.20 -4.92 -28.86
N GLU A 510 37.01 -4.10 -29.90
CA GLU A 510 36.25 -4.48 -31.10
C GLU A 510 37.25 -4.28 -32.24
N THR A 511 37.85 -5.40 -32.69
CA THR A 511 39.16 -5.35 -33.34
C THR A 511 39.13 -5.31 -34.88
N GLN A 512 37.98 -5.23 -35.53
CA GLN A 512 38.05 -5.42 -36.97
C GLN A 512 37.53 -4.27 -37.83
N ASN A 513 36.54 -3.49 -37.38
CA ASN A 513 36.05 -2.40 -38.24
C ASN A 513 36.68 -1.06 -37.88
N ASN A 514 38.02 -1.07 -37.78
CA ASN A 514 38.84 0.16 -37.67
C ASN A 514 38.40 1.09 -36.56
N SER A 515 37.73 0.57 -35.53
CA SER A 515 37.22 1.44 -34.49
C SER A 515 38.26 1.66 -33.40
N THR A 516 38.19 2.84 -32.79
CA THR A 516 38.98 3.31 -31.65
C THR A 516 39.53 2.22 -30.75
N SER A 517 40.83 2.29 -30.43
CA SER A 517 41.36 1.39 -29.41
C SER A 517 41.07 1.97 -28.04
N TRP A 518 40.87 1.07 -27.06
CA TRP A 518 40.46 1.45 -25.72
C TRP A 518 41.68 1.39 -24.80
N PRO A 519 42.23 2.55 -24.38
CA PRO A 519 43.36 2.54 -23.44
C PRO A 519 43.01 1.99 -22.06
N VAL A 520 44.04 1.61 -21.32
CA VAL A 520 43.88 1.27 -19.92
C VAL A 520 43.84 2.55 -19.07
N PHE A 521 42.89 2.62 -18.14
CA PHE A 521 42.84 3.72 -17.17
C PHE A 521 43.88 3.49 -16.06
N LYS A 522 44.87 4.37 -15.98
CA LYS A 522 45.85 4.38 -14.90
C LYS A 522 45.78 5.70 -14.16
N SER A 523 46.27 5.69 -12.92
CA SER A 523 46.54 6.96 -12.24
C SER A 523 47.63 7.69 -13.02
N THR A 524 47.60 9.04 -12.92
CA THR A 524 48.37 10.00 -13.73
C THR A 524 47.60 10.30 -15.02
N GLU A 525 47.78 9.48 -16.05
CA GLU A 525 47.21 9.81 -17.36
C GLU A 525 45.69 9.86 -17.31
N GLN A 526 45.05 8.84 -16.72
CA GLN A 526 43.60 8.80 -16.47
C GLN A 526 42.82 8.92 -17.78
N LYS A 527 43.02 7.95 -18.67
CA LYS A 527 42.39 7.98 -19.97
C LYS A 527 41.04 7.23 -19.97
N TYR A 528 40.06 7.83 -20.62
CA TYR A 528 38.74 7.23 -20.77
C TYR A 528 38.25 7.33 -22.22
N LEU A 529 37.47 6.32 -22.63
CA LEU A 529 36.91 6.28 -23.98
C LEU A 529 35.47 6.75 -23.93
N THR A 530 35.08 7.57 -24.88
CA THR A 530 33.69 8.02 -24.88
C THR A 530 32.85 7.16 -25.81
N LEU A 531 31.53 7.22 -25.64
CA LEU A 531 30.59 6.36 -26.36
C LEU A 531 29.45 7.18 -26.94
N ASN A 532 29.33 7.22 -28.27
CA ASN A 532 28.24 7.94 -28.92
C ASN A 532 28.10 7.49 -30.36
N THR A 533 27.16 8.12 -31.08
CA THR A 533 26.88 7.78 -32.47
C THR A 533 27.97 8.25 -33.44
N GLU A 534 28.58 9.41 -33.17
CA GLU A 534 29.46 10.07 -34.12
C GLU A 534 30.86 9.45 -34.09
N SER A 535 31.83 9.99 -33.37
CA SER A 535 33.12 9.35 -33.22
C SER A 535 33.29 8.97 -31.76
N THR A 536 34.11 7.96 -31.52
CA THR A 536 34.47 7.58 -30.17
C THR A 536 35.88 8.07 -29.89
N ARG A 537 36.02 9.08 -29.02
CA ARG A 537 37.31 9.70 -28.72
C ARG A 537 37.96 9.07 -27.49
N ILE A 538 39.26 9.33 -27.38
CA ILE A 538 40.02 9.05 -26.18
C ILE A 538 40.27 10.39 -25.48
N MET A 539 39.94 10.46 -24.19
CA MET A 539 40.11 11.66 -23.39
C MET A 539 40.71 11.31 -22.02
N THR A 540 41.20 12.35 -21.36
CA THR A 540 41.77 12.29 -20.02
C THR A 540 40.97 13.20 -19.09
N LYS A 541 41.18 13.07 -17.77
CA LYS A 541 40.75 14.11 -16.83
C LYS A 541 39.22 14.21 -16.76
N LEU A 542 38.53 13.07 -16.65
CA LEU A 542 37.07 13.22 -16.69
C LEU A 542 36.68 14.10 -15.51
N ARG A 543 36.04 15.23 -15.83
CA ARG A 543 35.71 16.31 -14.90
C ARG A 543 36.64 16.40 -13.69
N ALA A 544 37.90 16.77 -13.90
CA ALA A 544 38.89 16.71 -12.82
C ALA A 544 38.71 17.85 -11.82
N GLN A 545 38.43 19.06 -12.30
CA GLN A 545 38.22 20.20 -11.41
C GLN A 545 37.12 19.92 -10.41
N GLN A 546 35.92 19.60 -10.92
CA GLN A 546 34.78 19.22 -10.09
C GLN A 546 35.16 18.10 -9.12
N CYS A 547 35.59 16.95 -9.67
CA CYS A 547 35.77 15.78 -8.82
C CYS A 547 36.67 16.06 -7.64
N ARG A 548 37.62 16.96 -7.83
CA ARG A 548 38.62 17.10 -6.79
C ARG A 548 38.14 18.07 -5.70
N PHE A 549 37.14 18.91 -6.01
CA PHE A 549 36.34 19.53 -4.94
C PHE A 549 35.67 18.46 -4.09
N TRP A 550 34.92 17.56 -4.73
CA TRP A 550 34.17 16.55 -4.01
C TRP A 550 35.08 15.53 -3.33
N THR A 551 36.26 15.28 -3.89
CA THR A 551 37.08 14.17 -3.40
C THR A 551 38.07 14.62 -2.32
N SER A 552 38.53 15.87 -2.39
CA SER A 552 39.63 16.28 -1.52
C SER A 552 39.18 17.13 -0.36
N PHE A 553 38.15 17.95 -0.55
CA PHE A 553 37.82 18.98 0.43
C PHE A 553 36.42 18.79 1.03
N PHE A 554 35.39 18.64 0.21
CA PHE A 554 34.07 18.37 0.79
C PHE A 554 34.08 17.28 1.85
N PRO A 555 34.90 16.23 1.78
CA PRO A 555 34.91 15.25 2.86
C PRO A 555 35.14 15.84 4.25
N LYS A 556 35.52 17.12 4.37
CA LYS A 556 35.79 17.69 5.68
C LYS A 556 34.57 18.36 6.31
N VAL A 557 33.79 19.10 5.53
CA VAL A 557 32.64 19.86 6.02
C VAL A 557 31.69 19.04 6.91
N ASP B 31 -29.52 -27.22 -10.10
CA ASP B 31 -29.92 -27.17 -8.69
C ASP B 31 -28.69 -27.15 -7.81
N ILE B 32 -28.56 -26.07 -7.06
CA ILE B 32 -27.37 -25.76 -6.29
C ILE B 32 -27.68 -26.09 -4.85
N ILE B 33 -26.79 -26.80 -4.11
CA ILE B 33 -27.00 -26.97 -2.67
C ILE B 33 -25.73 -27.37 -1.92
N ILE B 34 -25.60 -26.80 -0.71
CA ILE B 34 -24.41 -26.92 0.12
C ILE B 34 -24.82 -27.37 1.53
N ALA B 35 -23.97 -28.18 2.14
CA ALA B 35 -24.22 -28.73 3.47
C ALA B 35 -23.54 -27.85 4.51
N THR B 36 -24.34 -27.33 5.44
CA THR B 36 -23.79 -26.60 6.58
C THR B 36 -23.58 -27.53 7.77
N LYS B 37 -22.99 -26.96 8.82
CA LYS B 37 -22.85 -27.71 10.04
C LYS B 37 -24.19 -27.94 10.73
N ASN B 38 -25.18 -27.07 10.48
CA ASN B 38 -26.52 -27.19 11.02
C ASN B 38 -27.51 -27.79 10.04
N GLY B 39 -27.05 -28.46 9.00
CA GLY B 39 -27.94 -29.03 8.00
C GLY B 39 -27.89 -28.20 6.74
N LYS B 40 -28.68 -28.59 5.77
CA LYS B 40 -28.45 -28.14 4.39
C LYS B 40 -29.48 -27.11 3.95
N VAL B 41 -29.12 -26.28 2.97
CA VAL B 41 -29.75 -24.96 2.79
C VAL B 41 -29.81 -24.67 1.32
N ARG B 42 -31.01 -24.32 0.80
CA ARG B 42 -31.21 -24.24 -0.64
C ARG B 42 -31.39 -22.81 -1.16
N GLY B 43 -30.71 -22.53 -2.29
CA GLY B 43 -30.63 -21.16 -2.82
C GLY B 43 -31.03 -20.89 -4.26
N MET B 44 -30.54 -19.77 -4.84
CA MET B 44 -30.95 -19.25 -6.14
C MET B 44 -29.74 -19.06 -7.06
N ASN B 45 -29.94 -19.15 -8.38
CA ASN B 45 -29.00 -18.58 -9.36
C ASN B 45 -29.62 -17.32 -9.95
N LEU B 46 -28.86 -16.24 -9.94
CA LEU B 46 -29.25 -14.97 -10.54
C LEU B 46 -28.31 -14.69 -11.68
N THR B 47 -28.84 -14.23 -12.82
CA THR B 47 -27.99 -13.80 -13.93
C THR B 47 -27.67 -12.32 -13.76
N VAL B 48 -26.38 -11.98 -13.75
CA VAL B 48 -25.92 -10.62 -13.49
C VAL B 48 -24.73 -10.32 -14.41
N PHE B 49 -24.86 -9.32 -15.28
CA PHE B 49 -23.84 -8.86 -16.25
C PHE B 49 -23.35 -9.99 -17.16
N GLY B 50 -24.29 -10.74 -17.74
CA GLY B 50 -23.95 -11.90 -18.55
C GLY B 50 -23.16 -12.97 -17.82
N GLY B 51 -23.48 -13.21 -16.55
CA GLY B 51 -22.83 -14.20 -15.71
C GLY B 51 -23.77 -14.45 -14.56
N THR B 52 -23.51 -15.50 -13.80
CA THR B 52 -24.46 -15.88 -12.77
C THR B 52 -23.80 -15.93 -11.40
N VAL B 53 -24.56 -15.51 -10.40
CA VAL B 53 -24.15 -15.53 -9.01
C VAL B 53 -25.19 -16.33 -8.23
N THR B 54 -24.73 -17.17 -7.29
CA THR B 54 -25.61 -17.98 -6.44
C THR B 54 -25.90 -17.23 -5.14
N ALA B 55 -27.18 -17.02 -4.84
CA ALA B 55 -27.58 -16.18 -3.71
C ALA B 55 -28.37 -16.99 -2.68
N PHE B 56 -27.80 -17.14 -1.50
CA PHE B 56 -28.43 -17.84 -0.39
C PHE B 56 -29.02 -16.77 0.53
N LEU B 57 -30.30 -16.48 0.36
CA LEU B 57 -30.99 -15.45 1.10
C LEU B 57 -31.75 -16.06 2.28
N GLY B 58 -31.42 -15.63 3.50
CA GLY B 58 -32.25 -15.90 4.66
C GLY B 58 -31.87 -17.09 5.50
N ILE B 59 -30.60 -17.46 5.54
CA ILE B 59 -30.16 -18.58 6.38
C ILE B 59 -30.23 -18.15 7.84
N PRO B 60 -30.83 -18.95 8.72
CA PRO B 60 -30.81 -18.59 10.14
C PRO B 60 -29.42 -18.85 10.71
N TYR B 61 -28.99 -17.99 11.63
CA TYR B 61 -27.77 -18.24 12.37
C TYR B 61 -28.01 -18.34 13.87
N ALA B 62 -29.25 -18.33 14.33
CA ALA B 62 -29.50 -18.36 15.77
C ALA B 62 -30.92 -18.80 16.07
N GLN B 63 -31.11 -19.36 17.25
N GLN B 63 -31.12 -19.36 17.26
CA GLN B 63 -32.46 -19.63 17.74
CA GLN B 63 -32.47 -19.66 17.71
C GLN B 63 -33.23 -18.30 17.81
C GLN B 63 -33.25 -18.35 17.88
N PRO B 64 -34.44 -18.25 17.28
CA PRO B 64 -35.23 -16.98 17.36
C PRO B 64 -35.32 -16.43 18.77
N PRO B 65 -34.76 -15.23 19.02
CA PRO B 65 -34.69 -14.69 20.37
C PRO B 65 -36.06 -14.21 20.85
N LEU B 66 -36.98 -15.16 21.03
CA LEU B 66 -38.39 -14.85 21.28
C LEU B 66 -38.81 -15.32 22.66
N GLY B 67 -39.81 -14.61 23.21
CA GLY B 67 -40.37 -14.98 24.48
C GLY B 67 -39.29 -15.10 25.53
N ARG B 68 -38.93 -16.31 25.94
CA ARG B 68 -37.94 -16.47 27.00
C ARG B 68 -36.52 -16.13 26.55
N LEU B 69 -36.33 -15.79 25.27
CA LEU B 69 -35.03 -15.42 24.75
C LEU B 69 -34.91 -13.95 24.39
N ARG B 70 -36.02 -13.21 24.45
CA ARG B 70 -35.96 -11.77 24.24
C ARG B 70 -35.02 -11.10 25.26
N PHE B 71 -34.19 -10.20 24.74
CA PHE B 71 -33.14 -9.47 25.47
C PHE B 71 -31.93 -10.33 25.82
N LYS B 72 -32.06 -11.65 25.89
CA LYS B 72 -30.86 -12.40 26.19
C LYS B 72 -29.89 -12.37 25.00
N LYS B 73 -28.66 -12.86 25.21
CA LYS B 73 -27.75 -13.04 24.09
C LYS B 73 -28.34 -14.05 23.11
N PRO B 74 -27.91 -14.03 21.84
CA PRO B 74 -28.37 -15.08 20.93
C PRO B 74 -27.79 -16.41 21.38
N GLN B 75 -28.52 -17.48 21.07
CA GLN B 75 -28.12 -18.82 21.43
C GLN B 75 -27.97 -19.62 20.15
N SER B 76 -27.00 -20.53 20.14
CA SER B 76 -26.57 -21.13 18.89
C SER B 76 -27.62 -22.10 18.37
N LEU B 77 -27.67 -22.18 17.05
CA LEU B 77 -28.69 -22.94 16.36
C LEU B 77 -28.32 -24.43 16.34
N THR B 78 -29.36 -25.26 16.29
CA THR B 78 -29.22 -26.71 16.24
C THR B 78 -29.91 -27.22 14.98
N LYS B 79 -29.25 -28.16 14.31
CA LYS B 79 -29.58 -28.74 13.01
C LYS B 79 -31.05 -28.72 12.57
N TRP B 80 -31.26 -28.65 11.26
CA TRP B 80 -32.50 -29.00 10.59
C TRP B 80 -32.22 -30.15 9.62
N SER B 81 -33.20 -31.03 9.39
CA SER B 81 -32.87 -32.22 8.57
C SER B 81 -33.80 -32.81 7.46
N ASP B 82 -34.58 -32.14 6.57
CA ASP B 82 -34.84 -30.70 6.19
C ASP B 82 -34.00 -30.08 5.04
N ILE B 83 -34.69 -29.40 4.13
CA ILE B 83 -34.14 -28.61 3.00
C ILE B 83 -34.53 -27.15 3.23
N TRP B 84 -33.68 -26.37 3.92
CA TRP B 84 -34.04 -24.96 4.14
C TRP B 84 -33.82 -24.19 2.85
N ASN B 85 -34.92 -23.71 2.27
CA ASN B 85 -34.98 -22.97 1.01
C ASN B 85 -34.62 -21.52 1.29
N ALA B 86 -33.32 -21.24 1.35
CA ALA B 86 -32.85 -19.86 1.54
C ALA B 86 -32.95 -19.16 0.19
N THR B 87 -34.16 -18.70 -0.11
CA THR B 87 -34.34 -18.12 -1.44
C THR B 87 -35.35 -16.97 -1.42
N LYS B 88 -35.53 -16.36 -0.25
CA LYS B 88 -36.28 -15.14 -0.05
C LYS B 88 -35.64 -14.41 1.12
N TYR B 89 -35.64 -13.09 1.10
CA TYR B 89 -35.20 -12.36 2.29
C TYR B 89 -36.13 -12.70 3.46
N ALA B 90 -35.57 -12.69 4.66
CA ALA B 90 -36.29 -13.09 5.87
C ALA B 90 -36.89 -11.85 6.53
N ASN B 91 -37.44 -12.02 7.73
CA ASN B 91 -37.94 -10.89 8.49
C ASN B 91 -36.78 -10.04 9.00
N SER B 92 -36.99 -8.74 9.03
CA SER B 92 -36.04 -7.86 9.68
C SER B 92 -36.52 -7.45 11.07
N CYS B 93 -35.56 -7.31 11.99
CA CYS B 93 -35.86 -7.17 13.41
C CYS B 93 -36.77 -5.98 13.69
N CYS B 94 -37.56 -6.11 14.77
CA CYS B 94 -38.55 -5.11 15.11
C CYS B 94 -37.89 -3.74 15.33
N GLN B 95 -38.52 -2.71 14.79
CA GLN B 95 -37.99 -1.35 14.80
C GLN B 95 -39.12 -0.38 14.47
N ASN B 96 -38.95 0.88 14.88
CA ASN B 96 -39.83 1.93 14.39
C ASN B 96 -39.45 2.27 12.96
N ILE B 97 -40.18 3.19 12.34
CA ILE B 97 -40.03 3.42 10.91
C ILE B 97 -40.17 4.90 10.59
N ASP B 98 -39.16 5.45 9.92
CA ASP B 98 -39.20 6.86 9.50
C ASP B 98 -40.29 7.06 8.46
N GLN B 99 -41.26 7.95 8.77
CA GLN B 99 -42.26 8.38 7.80
C GLN B 99 -42.54 9.88 7.86
N SER B 100 -41.58 10.68 8.31
CA SER B 100 -41.77 12.13 8.23
C SER B 100 -42.13 12.60 6.82
N PHE B 101 -41.71 11.85 5.80
CA PHE B 101 -42.00 12.24 4.41
C PHE B 101 -42.47 11.00 3.66
N PRO B 102 -43.78 10.83 3.48
CA PRO B 102 -44.32 9.60 2.91
C PRO B 102 -44.42 9.67 1.39
N GLY B 103 -44.05 8.58 0.75
CA GLY B 103 -43.96 8.52 -0.69
C GLY B 103 -42.62 8.96 -1.26
N PHE B 104 -41.83 9.69 -0.47
CA PHE B 104 -40.51 10.15 -0.91
C PHE B 104 -39.51 8.99 -0.87
N HIS B 105 -38.88 8.74 -2.03
CA HIS B 105 -37.96 7.62 -2.14
C HIS B 105 -36.74 7.81 -1.24
N GLY B 106 -36.12 9.00 -1.27
CA GLY B 106 -34.88 9.23 -0.56
C GLY B 106 -34.93 8.91 0.93
N SER B 107 -36.10 8.98 1.53
CA SER B 107 -36.23 8.54 2.91
C SER B 107 -36.76 7.13 3.02
N GLU B 108 -37.65 6.72 2.11
CA GLU B 108 -38.26 5.39 2.22
C GLU B 108 -37.39 4.30 1.61
N MET B 109 -36.45 4.68 0.73
CA MET B 109 -35.26 3.90 0.40
C MET B 109 -34.67 3.16 1.59
N TRP B 110 -34.75 3.71 2.80
CA TRP B 110 -34.03 3.19 3.96
C TRP B 110 -34.92 2.40 4.90
N ASN B 111 -36.26 2.44 4.72
CA ASN B 111 -37.15 1.68 5.60
C ASN B 111 -37.13 0.19 5.25
N PRO B 112 -37.33 -0.69 6.24
CA PRO B 112 -37.38 -2.14 5.98
C PRO B 112 -38.36 -2.54 4.89
N ASN B 113 -37.95 -3.52 4.09
CA ASN B 113 -38.69 -3.95 2.92
C ASN B 113 -39.05 -5.43 2.99
N THR B 114 -39.04 -6.00 4.19
CA THR B 114 -39.65 -7.28 4.49
C THR B 114 -40.48 -7.11 5.76
N ASP B 115 -41.18 -8.14 6.17
CA ASP B 115 -42.05 -7.97 7.33
C ASP B 115 -41.23 -8.02 8.61
N LEU B 116 -41.62 -7.20 9.59
CA LEU B 116 -40.92 -7.12 10.85
C LEU B 116 -41.37 -8.28 11.75
N SER B 117 -40.51 -8.62 12.69
CA SER B 117 -40.63 -9.84 13.47
C SER B 117 -39.46 -9.96 14.43
N GLU B 118 -39.73 -10.30 15.68
CA GLU B 118 -38.63 -10.63 16.58
C GLU B 118 -37.86 -11.87 16.12
N ASP B 119 -38.43 -12.67 15.21
CA ASP B 119 -37.73 -13.79 14.57
C ASP B 119 -37.05 -13.28 13.33
N CYS B 120 -35.83 -12.77 13.52
CA CYS B 120 -35.14 -12.01 12.50
C CYS B 120 -33.67 -12.36 12.34
N LEU B 121 -33.06 -13.11 13.25
CA LEU B 121 -31.64 -13.39 13.11
C LEU B 121 -31.41 -14.39 11.99
N TYR B 122 -31.41 -13.86 10.75
CA TYR B 122 -31.03 -14.58 9.53
C TYR B 122 -29.87 -13.84 8.86
N LEU B 123 -29.22 -14.51 7.89
CA LEU B 123 -28.14 -13.89 7.12
C LEU B 123 -28.23 -14.32 5.65
N ASN B 124 -27.49 -13.61 4.78
CA ASN B 124 -27.52 -13.80 3.34
C ASN B 124 -26.11 -14.07 2.84
N VAL B 125 -25.99 -14.91 1.79
CA VAL B 125 -24.68 -15.26 1.26
C VAL B 125 -24.70 -15.16 -0.27
N TRP B 126 -23.80 -14.37 -0.86
CA TRP B 126 -23.63 -14.38 -2.31
C TRP B 126 -22.27 -14.99 -2.63
N ILE B 127 -22.26 -16.01 -3.50
CA ILE B 127 -21.01 -16.57 -3.98
C ILE B 127 -20.96 -16.47 -5.50
N PRO B 128 -19.78 -16.30 -6.11
CA PRO B 128 -19.70 -16.30 -7.57
C PRO B 128 -19.94 -17.69 -8.15
N ALA B 129 -20.39 -17.71 -9.40
CA ALA B 129 -20.41 -18.96 -10.14
C ALA B 129 -19.45 -18.78 -11.31
N PRO B 130 -18.52 -19.73 -11.52
CA PRO B 130 -18.15 -20.98 -10.82
C PRO B 130 -17.99 -20.86 -9.29
N LYS B 131 -18.37 -21.93 -8.54
CA LYS B 131 -18.10 -22.02 -7.11
C LYS B 131 -16.61 -21.80 -6.89
N PRO B 132 -16.22 -20.67 -6.31
CA PRO B 132 -14.79 -20.40 -6.13
C PRO B 132 -14.24 -21.22 -4.97
N LYS B 133 -12.93 -21.48 -5.05
CA LYS B 133 -12.35 -22.44 -4.12
C LYS B 133 -12.01 -21.76 -2.78
N ASN B 134 -11.16 -20.74 -2.81
CA ASN B 134 -10.65 -20.13 -1.58
C ASN B 134 -10.84 -18.61 -1.59
N ALA B 135 -12.06 -18.17 -1.88
CA ALA B 135 -12.34 -16.74 -2.09
C ALA B 135 -12.27 -15.95 -0.80
N THR B 136 -11.93 -14.67 -0.93
CA THR B 136 -12.02 -13.73 0.19
C THR B 136 -13.49 -13.37 0.44
N VAL B 137 -13.84 -13.14 1.70
CA VAL B 137 -15.21 -12.87 2.08
C VAL B 137 -15.34 -11.43 2.55
N LEU B 138 -16.43 -10.79 2.17
CA LEU B 138 -16.83 -9.48 2.67
C LEU B 138 -18.10 -9.66 3.48
N ILE B 139 -18.06 -9.26 4.76
CA ILE B 139 -19.23 -9.31 5.64
C ILE B 139 -19.72 -7.91 5.92
N TRP B 140 -21.00 -7.67 5.67
CA TRP B 140 -21.57 -6.33 5.72
C TRP B 140 -22.34 -6.15 7.01
N ILE B 141 -22.21 -4.98 7.63
CA ILE B 141 -23.04 -4.65 8.78
C ILE B 141 -23.73 -3.33 8.49
N TYR B 142 -25.05 -3.35 8.46
CA TYR B 142 -25.80 -2.16 8.12
C TYR B 142 -25.81 -1.19 9.30
N GLY B 143 -26.11 0.08 8.99
CA GLY B 143 -26.17 1.14 9.95
C GLY B 143 -27.60 1.63 10.16
N GLY B 144 -27.75 2.51 11.13
CA GLY B 144 -29.04 3.10 11.42
C GLY B 144 -29.19 3.46 12.88
N GLY B 145 -28.22 4.18 13.44
CA GLY B 145 -28.30 4.63 14.82
C GLY B 145 -28.61 3.55 15.84
N PHE B 146 -28.28 2.31 15.51
CA PHE B 146 -28.73 1.10 16.22
C PHE B 146 -30.22 1.09 16.59
N GLN B 147 -31.04 1.95 16.00
CA GLN B 147 -32.48 1.88 16.23
C GLN B 147 -33.26 1.46 14.98
N THR B 148 -32.60 1.31 13.83
CA THR B 148 -33.23 0.81 12.61
C THR B 148 -32.24 -0.08 11.87
N GLY B 149 -32.60 -0.45 10.64
CA GLY B 149 -31.72 -1.06 9.66
C GLY B 149 -32.10 -2.51 9.34
N THR B 150 -31.59 -3.00 8.19
CA THR B 150 -31.61 -4.42 7.83
C THR B 150 -30.94 -4.77 6.49
N SER B 151 -30.47 -6.00 6.37
CA SER B 151 -29.56 -6.38 5.29
C SER B 151 -30.23 -6.57 3.94
N SER B 152 -31.56 -6.47 3.85
CA SER B 152 -32.24 -6.77 2.60
C SER B 152 -32.52 -5.55 1.74
N LEU B 153 -32.01 -4.37 2.14
CA LEU B 153 -32.16 -3.16 1.33
C LEU B 153 -31.52 -3.37 -0.04
N HIS B 154 -32.10 -2.68 -1.04
CA HIS B 154 -31.64 -2.86 -2.43
C HIS B 154 -30.19 -2.41 -2.58
N VAL B 155 -29.81 -1.34 -1.89
CA VAL B 155 -28.46 -0.80 -1.97
C VAL B 155 -27.41 -1.66 -1.28
N TYR B 156 -27.80 -2.64 -0.46
CA TYR B 156 -26.83 -3.58 0.11
C TYR B 156 -26.70 -4.86 -0.71
N ASP B 157 -27.46 -5.00 -1.80
CA ASP B 157 -27.44 -6.22 -2.60
C ASP B 157 -26.01 -6.55 -3.00
N GLY B 158 -25.52 -7.70 -2.55
CA GLY B 158 -24.15 -8.13 -2.77
C GLY B 158 -23.89 -8.89 -4.05
N LYS B 159 -24.88 -9.09 -4.91
CA LYS B 159 -24.65 -9.88 -6.12
C LYS B 159 -23.58 -9.23 -7.01
N PHE B 160 -23.65 -7.91 -7.19
CA PHE B 160 -22.67 -7.22 -8.03
C PHE B 160 -21.25 -7.50 -7.55
N LEU B 161 -20.99 -7.27 -6.26
CA LEU B 161 -19.65 -7.46 -5.72
C LEU B 161 -19.15 -8.87 -5.98
N ALA B 162 -19.96 -9.89 -5.68
CA ALA B 162 -19.53 -11.25 -5.95
C ALA B 162 -19.27 -11.47 -7.44
N ARG B 163 -20.13 -10.91 -8.31
CA ARG B 163 -19.95 -11.13 -9.74
C ARG B 163 -18.66 -10.50 -10.23
N VAL B 164 -18.42 -9.24 -9.87
CA VAL B 164 -17.38 -8.44 -10.51
C VAL B 164 -15.99 -8.78 -9.97
N GLU B 165 -15.88 -9.09 -8.67
CA GLU B 165 -14.62 -9.28 -7.95
C GLU B 165 -14.41 -10.70 -7.44
N ARG B 166 -15.42 -11.57 -7.52
CA ARG B 166 -15.27 -12.96 -7.12
C ARG B 166 -14.91 -13.07 -5.64
N VAL B 167 -15.61 -12.28 -4.83
CA VAL B 167 -15.56 -12.39 -3.38
C VAL B 167 -16.94 -12.80 -2.89
N ILE B 168 -16.97 -13.45 -1.75
CA ILE B 168 -18.23 -13.88 -1.16
C ILE B 168 -18.75 -12.75 -0.30
N VAL B 169 -19.98 -12.32 -0.56
CA VAL B 169 -20.63 -11.32 0.28
C VAL B 169 -21.56 -12.02 1.26
N VAL B 170 -21.43 -11.63 2.53
CA VAL B 170 -22.32 -12.05 3.60
C VAL B 170 -22.83 -10.80 4.31
N SER B 171 -24.14 -10.77 4.56
CA SER B 171 -24.69 -9.76 5.45
C SER B 171 -25.68 -10.44 6.38
N MET B 172 -25.74 -9.98 7.62
CA MET B 172 -26.68 -10.50 8.61
C MET B 172 -27.58 -9.40 9.14
N ASN B 173 -28.72 -9.81 9.69
CA ASN B 173 -29.52 -8.93 10.55
C ASN B 173 -29.20 -9.21 12.00
N TYR B 174 -29.21 -8.14 12.78
CA TYR B 174 -28.93 -8.20 14.21
C TYR B 174 -30.00 -7.35 14.91
N ARG B 175 -30.34 -7.73 16.14
CA ARG B 175 -31.36 -6.95 16.84
C ARG B 175 -30.88 -5.51 17.06
N VAL B 176 -31.84 -4.65 17.41
CA VAL B 176 -31.84 -3.23 17.11
C VAL B 176 -32.75 -2.57 18.14
N GLY B 177 -32.52 -1.29 18.41
CA GLY B 177 -33.30 -0.66 19.46
C GLY B 177 -33.17 -1.38 20.80
N ALA B 178 -34.24 -1.34 21.59
CA ALA B 178 -34.17 -1.92 22.93
C ALA B 178 -34.16 -3.44 22.90
N LEU B 179 -34.87 -4.06 21.96
CA LEU B 179 -34.78 -5.52 21.88
C LEU B 179 -33.35 -6.00 21.63
N GLY B 180 -32.42 -5.09 21.31
CA GLY B 180 -31.05 -5.46 21.02
C GLY B 180 -30.00 -4.74 21.85
N PHE B 181 -30.38 -3.71 22.60
CA PHE B 181 -29.38 -3.00 23.38
C PHE B 181 -29.93 -2.52 24.72
N LEU B 182 -31.03 -3.11 25.19
CA LEU B 182 -31.50 -2.87 26.53
C LEU B 182 -30.48 -3.40 27.52
N ALA B 183 -30.09 -2.58 28.49
CA ALA B 183 -28.98 -2.94 29.36
C ALA B 183 -29.40 -2.79 30.81
N LEU B 184 -29.48 -3.93 31.51
CA LEU B 184 -29.23 -4.02 32.94
C LEU B 184 -27.86 -4.67 33.06
N PRO B 185 -26.81 -3.88 33.06
CA PRO B 185 -25.47 -4.43 32.88
C PRO B 185 -25.11 -5.38 34.01
N GLY B 186 -24.62 -6.56 33.66
CA GLY B 186 -24.23 -7.58 34.61
C GLY B 186 -25.24 -8.69 34.80
N ASN B 187 -26.51 -8.45 34.43
CA ASN B 187 -27.59 -9.41 34.64
C ASN B 187 -27.82 -10.21 33.35
N PRO B 188 -27.61 -11.52 33.33
CA PRO B 188 -27.66 -12.27 32.06
C PRO B 188 -28.99 -12.23 31.35
N GLU B 189 -30.04 -11.67 31.94
CA GLU B 189 -31.32 -11.70 31.25
C GLU B 189 -31.53 -10.51 30.32
N ALA B 190 -30.58 -9.56 30.30
CA ALA B 190 -30.56 -8.38 29.45
C ALA B 190 -29.24 -7.64 29.71
N PRO B 191 -28.10 -8.23 29.35
CA PRO B 191 -26.82 -7.69 29.79
C PRO B 191 -26.29 -6.53 28.97
N GLY B 192 -27.03 -6.05 27.98
CA GLY B 192 -26.56 -4.99 27.10
C GLY B 192 -25.72 -5.54 25.96
N ASN B 193 -25.73 -4.86 24.81
CA ASN B 193 -24.89 -5.21 23.65
C ASN B 193 -25.25 -6.53 23.01
N MET B 194 -26.51 -6.96 22.96
CA MET B 194 -26.72 -8.30 22.40
C MET B 194 -26.88 -8.24 20.87
N GLY B 195 -27.28 -7.09 20.32
CA GLY B 195 -27.14 -6.88 18.89
C GLY B 195 -25.72 -7.15 18.40
N LEU B 196 -24.72 -6.49 19.02
CA LEU B 196 -23.36 -6.85 18.69
C LEU B 196 -23.15 -8.35 18.81
N PHE B 197 -23.71 -8.97 19.84
CA PHE B 197 -23.55 -10.41 19.98
C PHE B 197 -24.28 -11.15 18.87
N ASP B 198 -25.32 -10.56 18.31
CA ASP B 198 -25.89 -11.12 17.10
C ASP B 198 -24.86 -11.08 15.99
N GLN B 199 -24.32 -9.90 15.72
CA GLN B 199 -23.24 -9.78 14.75
C GLN B 199 -22.18 -10.83 15.03
N GLN B 200 -21.61 -10.80 16.22
CA GLN B 200 -20.51 -11.73 16.52
C GLN B 200 -20.88 -13.17 16.20
N LEU B 201 -22.09 -13.59 16.56
CA LEU B 201 -22.48 -14.96 16.29
C LEU B 201 -22.45 -15.25 14.80
N ALA B 202 -22.91 -14.31 13.98
CA ALA B 202 -22.88 -14.53 12.54
C ALA B 202 -21.44 -14.68 12.03
N LEU B 203 -20.49 -13.92 12.61
CA LEU B 203 -19.07 -14.11 12.26
C LEU B 203 -18.59 -15.50 12.68
N GLN B 204 -19.11 -16.04 13.78
N GLN B 204 -19.12 -16.03 13.79
CA GLN B 204 -18.78 -17.41 14.15
CA GLN B 204 -18.81 -17.41 14.17
C GLN B 204 -19.34 -18.39 13.13
C GLN B 204 -19.34 -18.39 13.13
N TRP B 205 -20.50 -18.08 12.55
CA TRP B 205 -21.11 -18.98 11.58
C TRP B 205 -20.38 -18.96 10.25
N VAL B 206 -19.78 -17.82 9.88
CA VAL B 206 -18.93 -17.83 8.69
C VAL B 206 -17.63 -18.56 8.97
N GLN B 207 -17.12 -18.46 10.21
CA GLN B 207 -15.92 -19.19 10.59
C GLN B 207 -16.13 -20.69 10.45
N LYS B 208 -17.34 -21.16 10.73
CA LYS B 208 -17.65 -22.57 10.79
C LYS B 208 -18.17 -23.13 9.47
N ASN B 209 -18.67 -22.30 8.56
CA ASN B 209 -19.34 -22.82 7.38
C ASN B 209 -18.92 -22.24 6.06
N ILE B 210 -18.23 -21.09 6.03
CA ILE B 210 -18.05 -20.45 4.74
C ILE B 210 -17.18 -21.29 3.81
N ALA B 211 -16.38 -22.21 4.36
CA ALA B 211 -15.60 -23.12 3.51
C ALA B 211 -16.51 -23.91 2.59
N ALA B 212 -17.68 -24.33 3.08
CA ALA B 212 -18.58 -25.15 2.27
C ALA B 212 -19.11 -24.41 1.04
N PHE B 213 -19.25 -23.08 1.12
CA PHE B 213 -19.66 -22.28 -0.05
C PHE B 213 -18.50 -21.93 -0.95
N GLY B 214 -17.27 -22.21 -0.55
CA GLY B 214 -16.09 -21.81 -1.27
C GLY B 214 -15.28 -20.69 -0.66
N GLY B 215 -15.56 -20.31 0.58
CA GLY B 215 -14.90 -19.16 1.18
C GLY B 215 -13.63 -19.50 1.95
N ASN B 216 -12.74 -18.52 2.02
CA ASN B 216 -11.60 -18.67 2.90
C ASN B 216 -11.96 -18.04 4.24
N PRO B 217 -12.19 -18.84 5.29
CA PRO B 217 -12.45 -18.25 6.60
C PRO B 217 -11.30 -17.40 7.10
N LYS B 218 -10.11 -17.53 6.50
CA LYS B 218 -8.94 -16.78 6.98
C LYS B 218 -8.80 -15.41 6.32
N SER B 219 -9.59 -15.10 5.29
CA SER B 219 -9.57 -13.79 4.68
C SER B 219 -10.97 -13.20 4.77
N VAL B 220 -11.29 -12.61 5.91
CA VAL B 220 -12.62 -12.04 6.11
C VAL B 220 -12.45 -10.57 6.43
N THR B 221 -13.26 -9.74 5.80
CA THR B 221 -13.19 -8.30 5.99
C THR B 221 -14.55 -7.77 6.37
N LEU B 222 -14.65 -7.21 7.56
CA LEU B 222 -15.84 -6.50 8.00
C LEU B 222 -15.95 -5.16 7.27
N PHE B 223 -17.15 -4.82 6.84
CA PHE B 223 -17.35 -3.46 6.37
C PHE B 223 -18.78 -3.05 6.63
N GLY B 224 -18.95 -1.84 7.17
CA GLY B 224 -20.25 -1.28 7.45
C GLY B 224 -20.27 0.23 7.25
N GLU B 225 -21.45 0.81 7.40
CA GLU B 225 -21.59 2.25 7.34
C GLU B 225 -22.44 2.73 8.53
N SER B 226 -22.25 4.00 8.92
CA SER B 226 -23.01 4.62 10.02
C SER B 226 -22.90 3.69 11.24
N ALA B 227 -24.01 3.30 11.87
CA ALA B 227 -23.95 2.47 13.06
C ALA B 227 -23.31 1.11 12.78
N GLY B 228 -23.33 0.67 11.52
CA GLY B 228 -22.62 -0.54 11.16
C GLY B 228 -21.13 -0.33 11.20
N ALA B 229 -20.66 0.79 10.65
CA ALA B 229 -19.24 1.13 10.77
C ALA B 229 -18.81 1.18 12.23
N ALA B 230 -19.63 1.80 13.10
CA ALA B 230 -19.33 1.79 14.53
C ALA B 230 -19.27 0.35 15.05
N SER B 231 -20.28 -0.45 14.70
CA SER B 231 -20.25 -1.87 15.04
C SER B 231 -18.91 -2.50 14.65
N VAL B 232 -18.39 -2.15 13.46
CA VAL B 232 -17.12 -2.72 13.00
C VAL B 232 -15.96 -2.30 13.91
N SER B 233 -15.94 -1.03 14.33
CA SER B 233 -14.81 -0.62 15.16
C SER B 233 -14.84 -1.29 16.53
N LEU B 234 -16.04 -1.66 17.00
CA LEU B 234 -16.14 -2.29 18.32
C LEU B 234 -15.62 -3.73 18.29
N HIS B 235 -15.83 -4.44 17.17
CA HIS B 235 -15.27 -5.78 17.03
C HIS B 235 -13.75 -5.75 17.03
N LEU B 236 -13.15 -4.66 16.56
CA LEU B 236 -11.71 -4.47 16.76
C LEU B 236 -11.36 -4.51 18.25
N LEU B 237 -12.20 -3.94 19.11
CA LEU B 237 -11.90 -3.87 20.54
C LEU B 237 -12.29 -5.12 21.33
N SER B 238 -13.37 -5.79 20.94
CA SER B 238 -13.90 -6.94 21.66
C SER B 238 -13.01 -8.14 21.39
N PRO B 239 -12.30 -8.66 22.40
CA PRO B 239 -11.47 -9.84 22.15
C PRO B 239 -12.26 -11.04 21.70
N GLY B 240 -13.59 -11.03 21.90
CA GLY B 240 -14.45 -12.09 21.41
C GLY B 240 -14.52 -12.19 19.90
N SER B 241 -14.21 -11.12 19.18
CA SER B 241 -14.27 -11.09 17.72
C SER B 241 -12.91 -11.21 17.06
N HIS B 242 -11.82 -10.97 17.81
CA HIS B 242 -10.45 -10.95 17.27
CA HIS B 242 -10.50 -10.89 17.19
C HIS B 242 -10.19 -12.09 16.29
N SER B 243 -10.80 -13.25 16.52
CA SER B 243 -10.49 -14.44 15.73
C SER B 243 -11.56 -14.79 14.69
N LEU B 244 -12.52 -13.90 14.42
CA LEU B 244 -13.56 -14.19 13.44
C LEU B 244 -13.48 -13.29 12.19
N PHE B 245 -12.34 -12.64 11.96
CA PHE B 245 -12.21 -11.74 10.82
C PHE B 245 -10.78 -11.22 10.74
N THR B 246 -10.44 -10.69 9.56
CA THR B 246 -9.05 -10.32 9.24
C THR B 246 -8.81 -8.82 9.15
N ARG B 247 -9.69 -8.06 8.48
CA ARG B 247 -9.50 -6.63 8.26
C ARG B 247 -10.81 -5.88 8.48
N ALA B 248 -10.80 -4.55 8.36
CA ALA B 248 -11.98 -3.78 8.73
C ALA B 248 -12.11 -2.50 7.91
N ILE B 249 -13.33 -2.24 7.42
CA ILE B 249 -13.65 -1.06 6.62
C ILE B 249 -14.76 -0.28 7.31
N LEU B 250 -14.52 1.00 7.58
CA LEU B 250 -15.39 1.82 8.44
C LEU B 250 -15.88 3.04 7.68
N GLN B 251 -17.08 3.00 7.15
CA GLN B 251 -17.60 4.11 6.36
C GLN B 251 -18.50 5.01 7.23
N SER B 252 -18.16 6.31 7.29
CA SER B 252 -18.98 7.30 8.03
C SER B 252 -19.25 6.91 9.48
N GLY B 253 -18.24 6.37 10.17
CA GLY B 253 -18.54 5.96 11.54
C GLY B 253 -17.45 5.25 12.33
N SER B 254 -17.33 5.63 13.59
CA SER B 254 -16.39 4.99 14.49
C SER B 254 -16.98 4.99 15.90
N PHE B 255 -16.46 4.09 16.75
CA PHE B 255 -17.05 3.95 18.08
C PHE B 255 -16.89 5.21 18.92
N ASN B 256 -15.82 5.99 18.69
CA ASN B 256 -15.59 7.23 19.43
C ASN B 256 -16.49 8.38 18.96
N ALA B 257 -17.40 8.14 18.02
CA ALA B 257 -18.36 9.17 17.67
C ALA B 257 -19.23 9.48 18.89
N PRO B 258 -19.74 10.71 19.00
CA PRO B 258 -20.51 11.05 20.21
C PRO B 258 -21.74 10.18 20.42
N TRP B 259 -22.38 9.70 19.35
CA TRP B 259 -23.64 8.98 19.39
C TRP B 259 -23.51 7.46 19.59
N ALA B 260 -22.30 6.91 19.59
CA ALA B 260 -22.12 5.48 19.39
C ALA B 260 -22.20 4.64 20.66
N VAL B 261 -21.61 5.07 21.79
CA VAL B 261 -21.65 4.31 23.03
C VAL B 261 -22.30 5.15 24.11
N THR B 262 -23.05 4.50 24.99
CA THR B 262 -23.85 5.16 26.02
C THR B 262 -23.29 4.75 27.37
N SER B 263 -23.10 5.70 28.28
CA SER B 263 -22.52 5.37 29.58
C SER B 263 -23.46 4.43 30.36
N LEU B 264 -22.88 3.75 31.36
CA LEU B 264 -23.63 2.71 32.07
C LEU B 264 -24.90 3.23 32.73
N TYR B 265 -24.87 4.42 33.33
CA TYR B 265 -26.07 4.86 34.04
C TYR B 265 -27.03 5.63 33.20
N GLU B 266 -26.63 6.08 32.02
CA GLU B 266 -27.72 6.44 31.15
C GLU B 266 -28.34 5.18 30.56
N ALA B 267 -27.60 4.08 30.42
CA ALA B 267 -28.21 2.80 30.04
C ALA B 267 -29.28 2.39 31.05
N ARG B 268 -28.93 2.38 32.35
CA ARG B 268 -29.90 2.03 33.36
C ARG B 268 -31.01 3.07 33.45
N ASN B 269 -30.66 4.35 33.58
CA ASN B 269 -31.67 5.40 33.71
C ASN B 269 -32.78 5.22 32.68
N ARG B 270 -32.42 4.75 31.48
CA ARG B 270 -33.41 4.56 30.41
C ARG B 270 -34.14 3.22 30.50
N THR B 271 -33.43 2.12 30.69
CA THR B 271 -34.18 0.87 30.76
C THR B 271 -35.23 0.93 31.87
N LEU B 272 -34.89 1.54 33.02
CA LEU B 272 -35.89 1.74 34.06
C LEU B 272 -36.94 2.77 33.65
N ASN B 273 -36.53 3.83 32.95
CA ASN B 273 -37.54 4.71 32.37
C ASN B 273 -38.49 3.94 31.46
N LEU B 274 -37.95 3.05 30.62
CA LEU B 274 -38.80 2.19 29.81
C LEU B 274 -39.73 1.37 30.70
N ALA B 275 -39.24 0.93 31.86
CA ALA B 275 -40.05 0.10 32.75
C ALA B 275 -41.21 0.88 33.35
N LYS B 276 -40.96 2.11 33.81
CA LYS B 276 -42.07 2.94 34.27
C LYS B 276 -43.05 3.26 33.15
N LEU B 277 -42.56 3.40 31.92
CA LEU B 277 -43.48 3.76 30.85
C LEU B 277 -44.36 2.58 30.46
N THR B 278 -43.78 1.39 30.38
CA THR B 278 -44.52 0.17 30.08
C THR B 278 -45.31 -0.34 31.28
N GLY B 279 -45.48 0.50 32.31
CA GLY B 279 -46.02 0.04 33.57
C GLY B 279 -45.34 -1.25 34.00
N CYS B 280 -44.02 -1.29 33.86
CA CYS B 280 -43.25 -2.50 34.14
C CYS B 280 -42.29 -2.33 35.31
N SER B 281 -42.28 -1.19 35.96
CA SER B 281 -41.24 -0.89 36.95
C SER B 281 -41.49 -1.60 38.29
N ARG B 282 -40.38 -2.00 38.95
CA ARG B 282 -40.46 -2.83 40.14
C ARG B 282 -39.24 -2.69 41.08
N GLU B 283 -39.01 -3.70 41.94
CA GLU B 283 -38.10 -3.60 43.09
C GLU B 283 -36.83 -4.42 42.97
N ASN B 284 -36.89 -5.62 42.41
CA ASN B 284 -35.69 -6.31 41.96
C ASN B 284 -35.86 -6.56 40.47
N GLU B 285 -34.81 -6.27 39.71
CA GLU B 285 -34.91 -5.91 38.32
C GLU B 285 -34.96 -7.08 37.37
N THR B 286 -34.55 -8.29 37.78
CA THR B 286 -34.79 -9.44 36.90
C THR B 286 -36.28 -9.66 36.68
N GLU B 287 -37.12 -9.20 37.59
CA GLU B 287 -38.55 -9.35 37.40
C GLU B 287 -39.11 -8.24 36.50
N ILE B 288 -38.45 -7.07 36.39
CA ILE B 288 -38.94 -6.06 35.44
C ILE B 288 -38.60 -6.45 34.01
N ILE B 289 -37.50 -7.18 33.79
CA ILE B 289 -37.25 -7.70 32.44
C ILE B 289 -38.19 -8.87 32.16
N LYS B 290 -38.57 -9.61 33.22
CA LYS B 290 -39.61 -10.61 33.04
C LYS B 290 -40.95 -9.95 32.76
N CYS B 291 -41.21 -8.79 33.38
CA CYS B 291 -42.37 -7.98 33.00
C CYS B 291 -42.25 -7.53 31.55
N LEU B 292 -41.11 -6.87 31.22
CA LEU B 292 -40.89 -6.31 29.89
C LEU B 292 -41.11 -7.33 28.79
N ARG B 293 -40.72 -8.57 29.08
CA ARG B 293 -40.74 -9.66 28.11
C ARG B 293 -42.15 -10.10 27.73
N ASN B 294 -43.17 -9.79 28.55
CA ASN B 294 -44.56 -10.12 28.21
C ASN B 294 -45.26 -8.95 27.53
N LYS B 295 -44.69 -7.75 27.59
CA LYS B 295 -45.23 -6.69 26.76
C LYS B 295 -45.04 -7.07 25.29
N ASP B 296 -46.01 -6.70 24.45
CA ASP B 296 -45.70 -7.21 23.14
C ASP B 296 -44.84 -6.20 22.38
N PRO B 297 -44.12 -6.67 21.35
CA PRO B 297 -42.97 -5.91 20.83
C PRO B 297 -43.27 -4.48 20.49
N GLN B 298 -44.49 -4.12 20.11
CA GLN B 298 -44.61 -2.77 19.59
C GLN B 298 -44.99 -1.80 20.69
N GLU B 299 -45.63 -2.25 21.78
CA GLU B 299 -45.68 -1.44 23.00
C GLU B 299 -44.28 -1.06 23.47
N ILE B 300 -43.30 -1.95 23.28
CA ILE B 300 -41.92 -1.59 23.56
C ILE B 300 -41.42 -0.55 22.54
N LEU B 301 -41.75 -0.74 21.26
CA LEU B 301 -41.18 0.10 20.20
C LEU B 301 -41.69 1.54 20.25
N LEU B 302 -43.00 1.77 20.49
CA LEU B 302 -43.43 3.17 20.52
C LEU B 302 -43.08 3.87 21.82
N ASN B 303 -42.34 3.23 22.72
CA ASN B 303 -41.95 3.84 23.98
C ASN B 303 -40.47 4.11 24.05
N GLU B 304 -39.67 3.53 23.14
CA GLU B 304 -38.24 3.81 23.07
C GLU B 304 -37.95 5.30 22.93
N ALA B 305 -38.87 6.09 22.37
CA ALA B 305 -38.53 7.46 22.01
C ALA B 305 -38.56 8.42 23.21
N PHE B 306 -39.32 8.10 24.26
CA PHE B 306 -39.55 9.00 25.39
C PHE B 306 -38.68 8.67 26.59
N VAL B 307 -37.89 7.61 26.49
CA VAL B 307 -37.13 7.12 27.60
C VAL B 307 -36.00 8.07 28.00
N VAL B 308 -35.79 9.14 27.23
CA VAL B 308 -34.81 10.17 27.59
C VAL B 308 -35.47 11.55 27.45
N PRO B 309 -34.99 12.58 28.20
CA PRO B 309 -35.69 13.87 28.27
C PRO B 309 -35.75 14.64 26.96
N TYR B 310 -34.65 15.32 26.65
CA TYR B 310 -34.45 16.02 25.39
C TYR B 310 -33.72 15.11 24.41
N GLY B 311 -34.03 15.27 23.13
CA GLY B 311 -33.42 14.47 22.10
C GLY B 311 -32.74 15.32 21.04
N THR B 312 -32.14 14.62 20.09
CA THR B 312 -31.62 15.16 18.86
C THR B 312 -32.11 14.24 17.75
N PRO B 313 -32.08 14.70 16.52
CA PRO B 313 -32.26 13.77 15.40
C PRO B 313 -31.29 12.60 15.47
N LEU B 314 -30.15 12.81 16.10
CA LEU B 314 -29.09 11.80 16.20
C LEU B 314 -29.12 11.05 17.51
N SER B 315 -30.28 10.83 18.10
CA SER B 315 -30.34 10.22 19.43
C SER B 315 -30.45 8.70 19.30
N VAL B 316 -29.43 8.03 19.80
CA VAL B 316 -29.38 6.57 19.93
C VAL B 316 -29.90 6.23 21.32
N ASN B 317 -31.18 5.87 21.43
CA ASN B 317 -31.75 5.63 22.75
C ASN B 317 -31.15 4.39 23.40
N PHE B 318 -31.09 3.28 22.66
CA PHE B 318 -30.47 2.06 23.17
C PHE B 318 -29.37 1.61 22.21
N GLY B 319 -28.14 2.04 22.50
CA GLY B 319 -26.98 1.64 21.75
C GLY B 319 -26.08 0.75 22.58
N PRO B 320 -24.89 0.47 22.08
CA PRO B 320 -23.94 -0.33 22.85
C PRO B 320 -23.50 0.40 24.12
N THR B 321 -22.96 -0.38 25.04
CA THR B 321 -22.31 0.16 26.23
C THR B 321 -21.32 -0.88 26.75
N VAL B 322 -20.99 -0.77 28.04
CA VAL B 322 -19.88 -1.47 28.63
C VAL B 322 -20.41 -2.61 29.49
N ASP B 323 -20.73 -3.72 28.85
CA ASP B 323 -21.30 -4.85 29.56
C ASP B 323 -20.26 -5.62 30.37
N GLY B 324 -18.97 -5.32 30.19
CA GLY B 324 -17.95 -6.15 30.81
C GLY B 324 -17.83 -7.51 30.17
N ASP B 325 -18.46 -7.70 29.01
CA ASP B 325 -18.40 -8.95 28.24
C ASP B 325 -17.92 -8.65 26.82
N PHE B 326 -18.71 -7.95 26.00
CA PHE B 326 -18.25 -7.47 24.71
C PHE B 326 -17.26 -6.33 24.87
N LEU B 327 -17.56 -5.41 25.79
CA LEU B 327 -16.74 -4.22 26.03
C LEU B 327 -16.18 -4.29 27.44
N THR B 328 -14.88 -4.55 27.56
CA THR B 328 -14.26 -4.69 28.86
C THR B 328 -14.11 -3.34 29.57
N ASP B 329 -14.10 -2.23 28.84
CA ASP B 329 -14.09 -0.92 29.48
C ASP B 329 -14.44 0.13 28.43
N MET B 330 -14.65 1.36 28.88
CA MET B 330 -14.65 2.57 28.07
C MET B 330 -13.77 2.46 26.83
N PRO B 331 -14.36 2.30 25.65
CA PRO B 331 -13.56 2.04 24.46
C PRO B 331 -12.45 3.05 24.24
N ASP B 332 -12.77 4.34 24.36
CA ASP B 332 -11.79 5.42 24.26
C ASP B 332 -10.44 5.01 24.86
N ILE B 333 -10.50 4.39 26.05
CA ILE B 333 -9.29 4.05 26.78
C ILE B 333 -8.64 2.79 26.22
N LEU B 334 -9.41 1.80 25.79
CA LEU B 334 -8.76 0.66 25.15
C LEU B 334 -8.07 1.08 23.88
N LEU B 335 -8.65 2.03 23.16
CA LEU B 335 -7.99 2.50 21.95
C LEU B 335 -6.70 3.22 22.32
N GLU B 336 -6.79 4.24 23.16
CA GLU B 336 -5.59 5.00 23.46
C GLU B 336 -4.58 4.18 24.26
N LEU B 337 -4.98 3.04 24.81
CA LEU B 337 -4.02 2.14 25.42
C LEU B 337 -3.67 0.96 24.52
N GLY B 338 -4.04 1.04 23.24
CA GLY B 338 -3.61 0.05 22.26
C GLY B 338 -4.08 -1.36 22.51
N GLN B 339 -5.26 -1.53 23.09
CA GLN B 339 -5.77 -2.86 23.35
C GLN B 339 -6.88 -3.22 22.35
N PHE B 340 -6.47 -3.33 21.10
CA PHE B 340 -7.39 -3.75 20.05
C PHE B 340 -6.68 -4.77 19.17
N LYS B 341 -7.44 -5.29 18.20
CA LYS B 341 -6.86 -6.15 17.17
C LYS B 341 -5.93 -5.33 16.28
N LYS B 342 -4.74 -5.85 16.00
CA LYS B 342 -3.79 -5.15 15.13
C LYS B 342 -3.88 -5.72 13.73
N THR B 343 -4.58 -5.00 12.86
CA THR B 343 -4.71 -5.35 11.46
C THR B 343 -4.80 -4.06 10.66
N GLN B 344 -5.16 -4.17 9.39
CA GLN B 344 -5.29 -2.99 8.55
C GLN B 344 -6.73 -2.50 8.59
N ILE B 345 -6.93 -1.19 8.47
CA ILE B 345 -8.28 -0.65 8.39
C ILE B 345 -8.35 0.40 7.30
N LEU B 346 -9.56 0.58 6.76
CA LEU B 346 -9.86 1.54 5.70
C LEU B 346 -11.06 2.36 6.15
N VAL B 347 -10.86 3.66 6.32
CA VAL B 347 -11.80 4.54 7.02
C VAL B 347 -12.14 5.69 6.10
N GLY B 348 -13.38 6.15 6.13
CA GLY B 348 -13.61 7.38 5.40
C GLY B 348 -14.99 7.96 5.65
N VAL B 349 -15.20 9.13 5.07
CA VAL B 349 -16.40 9.91 5.33
C VAL B 349 -16.77 10.72 4.09
N ASN B 350 -18.03 11.12 4.02
CA ASN B 350 -18.59 11.85 2.88
C ASN B 350 -18.58 13.34 3.16
N LYS B 351 -18.61 14.12 2.07
CA LYS B 351 -18.34 15.56 2.19
C LYS B 351 -19.47 16.30 2.89
N ASP B 352 -20.72 15.84 2.80
CA ASP B 352 -21.83 16.52 3.47
C ASP B 352 -22.52 15.59 4.46
N GLU B 353 -21.76 15.03 5.41
CA GLU B 353 -22.36 14.05 6.31
C GLU B 353 -23.59 14.62 7.02
N GLY B 354 -23.48 15.83 7.57
CA GLY B 354 -24.47 16.29 8.54
C GLY B 354 -25.72 16.97 7.99
N THR B 355 -25.77 17.27 6.69
CA THR B 355 -26.94 17.97 6.16
C THR B 355 -28.18 17.10 6.18
N ALA B 356 -28.02 15.78 6.12
CA ALA B 356 -29.19 14.88 6.12
C ALA B 356 -30.07 15.12 7.33
N PHE B 357 -29.47 15.44 8.48
CA PHE B 357 -30.20 15.34 9.73
C PHE B 357 -31.01 16.57 10.06
N LEU B 358 -30.74 17.71 9.40
CA LEU B 358 -31.34 18.97 9.84
C LEU B 358 -32.80 19.12 9.43
N VAL B 359 -33.23 18.45 8.35
CA VAL B 359 -34.63 18.57 7.95
C VAL B 359 -35.48 17.79 8.94
N TYR B 360 -34.83 17.20 9.95
CA TYR B 360 -35.50 16.41 10.98
C TYR B 360 -35.51 17.14 12.33
N GLY B 361 -35.71 18.47 12.30
CA GLY B 361 -35.93 19.19 13.55
C GLY B 361 -35.30 20.57 13.64
N ALA B 362 -34.60 20.94 12.64
CA ALA B 362 -33.94 22.23 12.79
C ALA B 362 -34.82 23.33 12.22
N PRO B 363 -34.98 24.43 12.95
CA PRO B 363 -35.72 25.59 12.42
C PRO B 363 -35.42 25.96 10.98
N GLY B 364 -36.46 26.01 10.14
CA GLY B 364 -36.33 26.59 8.82
C GLY B 364 -35.64 25.73 7.80
N PHE B 365 -35.52 24.43 8.06
CA PHE B 365 -35.02 23.48 7.08
C PHE B 365 -36.18 22.70 6.50
N SER B 366 -36.26 22.66 5.18
CA SER B 366 -37.24 21.84 4.49
C SER B 366 -36.58 21.13 3.33
N LYS B 367 -37.05 19.91 3.06
CA LYS B 367 -36.58 19.16 1.91
C LYS B 367 -36.95 19.83 0.59
N ASP B 368 -37.87 20.79 0.63
CA ASP B 368 -38.51 21.33 -0.56
C ASP B 368 -38.13 22.78 -0.86
N ASN B 369 -37.05 23.31 -0.27
CA ASN B 369 -36.60 24.66 -0.58
C ASN B 369 -35.12 24.80 -0.24
N ASN B 370 -34.49 25.82 -0.84
CA ASN B 370 -33.08 26.14 -0.62
C ASN B 370 -32.73 26.31 0.85
N SER B 371 -33.72 26.59 1.69
CA SER B 371 -33.59 26.52 3.15
C SER B 371 -32.51 27.49 3.67
N ILE B 372 -32.52 28.71 3.15
CA ILE B 372 -31.53 29.72 3.53
C ILE B 372 -31.90 30.31 4.88
N ILE B 373 -30.93 30.32 5.80
CA ILE B 373 -31.13 30.61 7.21
C ILE B 373 -30.39 31.89 7.61
N THR B 374 -30.96 32.66 8.55
CA THR B 374 -30.22 33.73 9.20
C THR B 374 -29.71 33.24 10.57
N ARG B 375 -29.02 34.12 11.29
CA ARG B 375 -28.26 33.67 12.44
C ARG B 375 -29.14 33.13 13.54
N LYS B 376 -30.34 33.69 13.68
CA LYS B 376 -31.17 33.29 14.81
C LYS B 376 -31.58 31.83 14.70
N GLU B 377 -31.98 31.36 13.49
CA GLU B 377 -32.32 29.94 13.36
C GLU B 377 -31.08 29.05 13.37
N PHE B 378 -29.90 29.62 13.16
CA PHE B 378 -28.65 28.88 13.40
C PHE B 378 -28.47 28.60 14.88
N GLN B 379 -28.57 29.65 15.70
CA GLN B 379 -28.41 29.49 17.14
C GLN B 379 -29.45 28.52 17.70
N GLU B 380 -30.74 28.72 17.39
CA GLU B 380 -31.74 27.75 17.83
C GLU B 380 -31.41 26.36 17.29
N GLY B 381 -30.92 26.28 16.05
CA GLY B 381 -30.53 25.00 15.49
C GLY B 381 -29.55 24.24 16.37
N LEU B 382 -28.57 24.94 16.94
CA LEU B 382 -27.65 24.27 17.85
C LEU B 382 -28.33 23.81 19.11
N LYS B 383 -29.35 24.53 19.59
CA LYS B 383 -30.08 24.04 20.73
C LYS B 383 -30.67 22.68 20.44
N ILE B 384 -31.14 22.42 19.21
CA ILE B 384 -31.67 21.10 18.88
C ILE B 384 -30.55 20.08 18.82
N PHE B 385 -29.45 20.43 18.17
CA PHE B 385 -28.35 19.49 18.08
C PHE B 385 -27.47 19.48 19.30
N PHE B 386 -27.51 20.53 20.11
CA PHE B 386 -26.73 20.61 21.35
C PHE B 386 -27.68 21.06 22.45
N PRO B 387 -28.31 20.12 23.17
CA PRO B 387 -29.42 20.55 24.01
C PRO B 387 -28.92 21.23 25.28
N GLY B 388 -27.89 20.67 25.87
CA GLY B 388 -27.28 21.18 27.08
C GLY B 388 -26.32 20.11 27.55
N VAL B 389 -24.99 20.24 27.47
CA VAL B 389 -24.07 21.38 27.14
C VAL B 389 -24.49 22.85 27.28
N SER B 390 -23.57 23.65 27.81
CA SER B 390 -23.90 24.97 28.34
C SER B 390 -24.27 25.95 27.25
N GLU B 391 -25.07 26.96 27.64
CA GLU B 391 -25.46 28.03 26.74
C GLU B 391 -24.26 28.81 26.22
N PHE B 392 -23.10 28.66 26.85
CA PHE B 392 -21.96 29.24 26.21
C PHE B 392 -21.15 28.24 25.35
N GLY B 393 -21.09 26.96 25.73
CA GLY B 393 -20.53 25.98 24.81
C GLY B 393 -21.01 26.24 23.38
N LYS B 394 -22.33 26.37 23.20
CA LYS B 394 -22.88 26.78 21.92
C LYS B 394 -22.24 28.07 21.39
N GLU B 395 -21.84 28.99 22.27
CA GLU B 395 -21.40 30.29 21.78
C GLU B 395 -20.10 30.20 20.99
N SER B 396 -19.09 29.51 21.55
CA SER B 396 -17.80 29.44 20.91
C SER B 396 -17.83 28.62 19.62
N ILE B 397 -18.76 27.65 19.50
CA ILE B 397 -18.80 26.83 18.28
C ILE B 397 -19.51 27.60 17.17
N LEU B 398 -20.57 28.34 17.49
CA LEU B 398 -21.01 29.34 16.54
C LEU B 398 -19.81 30.19 16.14
N PHE B 399 -19.10 30.73 17.13
CA PHE B 399 -17.93 31.53 16.82
C PHE B 399 -17.06 30.85 15.76
N HIS B 400 -16.56 29.66 16.08
CA HIS B 400 -15.55 29.00 15.25
CA HIS B 400 -15.54 29.06 15.23
C HIS B 400 -16.05 28.70 13.84
N TYR B 401 -17.36 28.69 13.61
CA TYR B 401 -17.93 28.33 12.31
C TYR B 401 -18.67 29.46 11.59
N THR B 402 -19.00 30.54 12.30
CA THR B 402 -19.59 31.74 11.71
C THR B 402 -18.51 32.65 11.13
N ASP B 403 -17.25 32.25 11.15
CA ASP B 403 -16.18 33.18 10.79
CA ASP B 403 -16.17 33.15 10.78
C ASP B 403 -16.19 33.34 9.27
N TRP B 404 -16.98 34.32 8.84
CA TRP B 404 -17.40 34.33 7.45
C TRP B 404 -16.27 34.58 6.46
N VAL B 405 -16.56 34.16 5.25
CA VAL B 405 -15.66 34.18 4.13
C VAL B 405 -16.28 34.89 2.89
N ASP B 406 -16.99 36.03 3.03
CA ASP B 406 -17.21 36.89 4.23
C ASP B 406 -18.76 37.03 4.50
N ASP B 407 -19.17 38.16 5.10
CA ASP B 407 -20.54 38.45 5.54
C ASP B 407 -21.60 38.36 4.44
N GLN B 408 -21.18 38.25 3.17
CA GLN B 408 -22.04 38.46 2.01
C GLN B 408 -23.08 37.36 1.84
N ARG B 409 -22.61 36.15 1.66
CA ARG B 409 -23.38 35.14 0.94
C ARG B 409 -24.53 34.63 1.83
N PRO B 410 -25.72 34.40 1.24
CA PRO B 410 -26.91 34.10 2.05
C PRO B 410 -26.93 32.69 2.60
N GLU B 411 -26.40 31.76 1.83
CA GLU B 411 -26.37 30.35 2.20
C GLU B 411 -25.45 30.02 3.36
N ASN B 412 -24.73 31.00 3.93
CA ASN B 412 -23.61 30.71 4.81
C ASN B 412 -24.04 29.91 6.04
N TYR B 413 -25.05 30.41 6.75
CA TYR B 413 -25.45 29.75 7.99
C TYR B 413 -25.99 28.35 7.71
N ARG B 414 -26.69 28.20 6.58
CA ARG B 414 -27.18 26.89 6.18
C ARG B 414 -26.02 25.89 6.03
N GLU B 415 -24.97 26.24 5.27
CA GLU B 415 -23.87 25.28 5.15
C GLU B 415 -23.08 25.13 6.44
N ALA B 416 -22.94 26.19 7.24
CA ALA B 416 -22.18 26.09 8.49
C ALA B 416 -22.82 25.10 9.45
N LEU B 417 -24.16 25.10 9.53
CA LEU B 417 -24.87 24.20 10.44
C LEU B 417 -24.74 22.74 10.01
N GLY B 418 -24.83 22.46 8.70
CA GLY B 418 -24.54 21.12 8.24
C GLY B 418 -23.12 20.69 8.61
N ASP B 419 -22.17 21.60 8.44
CA ASP B 419 -20.78 21.30 8.75
C ASP B 419 -20.57 21.08 10.24
N VAL B 420 -21.15 21.94 11.10
CA VAL B 420 -21.13 21.69 12.54
C VAL B 420 -21.49 20.23 12.82
N VAL B 421 -22.68 19.83 12.35
CA VAL B 421 -23.22 18.51 12.63
C VAL B 421 -22.37 17.41 12.01
N GLY B 422 -21.98 17.59 10.74
CA GLY B 422 -21.17 16.57 10.07
C GLY B 422 -19.83 16.35 10.75
N ASP B 423 -19.18 17.45 11.18
CA ASP B 423 -17.83 17.39 11.73
C ASP B 423 -17.81 16.81 13.11
N TYR B 424 -18.74 17.25 13.94
CA TYR B 424 -18.77 16.80 15.32
C TYR B 424 -19.11 15.32 15.39
N ASN B 425 -20.10 14.90 14.63
CA ASN B 425 -20.64 13.57 14.79
C ASN B 425 -19.89 12.52 13.98
N PHE B 426 -19.51 12.82 12.73
CA PHE B 426 -18.87 11.79 11.92
C PHE B 426 -17.43 12.12 11.53
N ILE B 427 -17.16 13.31 10.96
CA ILE B 427 -15.85 13.56 10.38
C ILE B 427 -14.75 13.48 11.43
N CYS B 428 -14.76 14.43 12.37
CA CYS B 428 -13.64 14.53 13.29
C CYS B 428 -13.43 13.28 14.13
N PRO B 429 -14.47 12.55 14.59
CA PRO B 429 -14.18 11.29 15.31
C PRO B 429 -13.48 10.27 14.41
N ALA B 430 -13.98 10.11 13.19
CA ALA B 430 -13.37 9.17 12.26
C ALA B 430 -11.87 9.44 12.09
N LEU B 431 -11.49 10.71 11.91
CA LEU B 431 -10.07 10.99 11.73
C LEU B 431 -9.29 10.72 13.00
N GLU B 432 -9.89 11.04 14.16
CA GLU B 432 -9.23 10.78 15.43
C GLU B 432 -9.06 9.31 15.66
N PHE B 433 -10.08 8.52 15.31
CA PHE B 433 -9.97 7.08 15.51
C PHE B 433 -8.84 6.52 14.66
N THR B 434 -8.77 6.96 13.40
CA THR B 434 -7.70 6.53 12.50
C THR B 434 -6.33 6.94 13.03
N LYS B 435 -6.22 8.17 13.52
CA LYS B 435 -4.99 8.66 14.11
C LYS B 435 -4.52 7.74 15.22
N LYS B 436 -5.37 7.49 16.22
CA LYS B 436 -4.94 6.66 17.34
C LYS B 436 -4.77 5.20 16.92
N PHE B 437 -5.59 4.72 15.99
CA PHE B 437 -5.42 3.34 15.54
C PHE B 437 -4.15 3.16 14.73
N SER B 438 -3.77 4.18 13.95
CA SER B 438 -2.54 4.11 13.17
C SER B 438 -1.30 4.18 14.05
N GLU B 439 -1.39 4.83 15.21
CA GLU B 439 -0.21 5.08 16.04
C GLU B 439 0.38 3.83 16.64
N TRP B 440 -0.22 2.66 16.42
CA TRP B 440 0.23 1.43 17.05
C TRP B 440 0.88 0.45 16.09
N GLY B 441 1.13 0.85 14.84
CA GLY B 441 1.97 0.10 13.94
C GLY B 441 1.29 -0.46 12.72
N ASN B 442 0.00 -0.28 12.56
CA ASN B 442 -0.70 -0.87 11.43
C ASN B 442 -1.07 0.16 10.37
N ASN B 443 -1.08 -0.29 9.11
CA ASN B 443 -1.43 0.59 8.01
C ASN B 443 -2.89 0.94 8.09
N ALA B 444 -3.20 2.18 7.77
CA ALA B 444 -4.57 2.65 7.69
C ALA B 444 -4.69 3.57 6.48
N PHE B 445 -5.79 3.44 5.77
CA PHE B 445 -6.05 4.33 4.65
C PHE B 445 -7.34 5.06 4.97
N PHE B 446 -7.39 6.32 4.60
CA PHE B 446 -8.53 7.17 4.84
C PHE B 446 -8.99 7.77 3.53
N TYR B 447 -10.30 7.80 3.32
CA TYR B 447 -10.88 8.36 2.10
C TYR B 447 -11.83 9.51 2.44
N TYR B 448 -12.19 10.28 1.42
CA TYR B 448 -13.11 11.42 1.58
C TYR B 448 -13.97 11.49 0.32
N PHE B 449 -15.21 11.01 0.42
CA PHE B 449 -16.07 10.75 -0.72
C PHE B 449 -16.82 12.02 -1.10
N GLU B 450 -16.44 12.63 -2.22
CA GLU B 450 -16.96 13.95 -2.61
C GLU B 450 -17.98 13.91 -3.75
N HIS B 451 -18.58 12.77 -4.07
CA HIS B 451 -19.42 12.73 -5.25
C HIS B 451 -20.89 12.67 -4.89
N ARG B 452 -21.67 13.57 -5.47
CA ARG B 452 -23.12 13.51 -5.34
C ARG B 452 -23.72 12.65 -6.44
N SER B 453 -24.43 11.59 -6.06
CA SER B 453 -25.09 10.73 -7.04
C SER B 453 -26.02 11.52 -7.93
N SER B 454 -25.79 11.41 -9.25
CA SER B 454 -26.67 12.02 -10.25
C SER B 454 -28.14 11.71 -9.99
N LYS B 455 -28.43 10.61 -9.31
CA LYS B 455 -29.78 10.09 -9.08
C LYS B 455 -30.43 10.65 -7.83
N LEU B 456 -29.66 11.33 -6.97
CA LEU B 456 -30.08 11.60 -5.59
C LEU B 456 -31.39 12.38 -5.54
N PRO B 457 -32.39 11.88 -4.80
CA PRO B 457 -33.69 12.57 -4.69
C PRO B 457 -33.80 13.63 -3.60
N TRP B 458 -32.74 13.94 -2.89
CA TRP B 458 -32.89 15.06 -1.97
C TRP B 458 -32.42 16.33 -2.67
N PRO B 459 -32.87 17.50 -2.21
CA PRO B 459 -32.41 18.75 -2.83
C PRO B 459 -30.90 18.84 -2.79
N GLU B 460 -30.31 19.55 -3.76
CA GLU B 460 -28.87 19.49 -3.82
C GLU B 460 -28.19 20.39 -2.80
N TRP B 461 -28.95 21.25 -2.10
CA TRP B 461 -28.29 21.96 -1.02
C TRP B 461 -27.81 20.99 0.05
N MET B 462 -28.30 19.77 0.02
CA MET B 462 -27.84 18.72 0.93
C MET B 462 -26.54 18.05 0.51
N GLY B 463 -26.05 18.30 -0.72
CA GLY B 463 -24.80 17.81 -1.28
C GLY B 463 -24.57 16.32 -1.10
N VAL B 464 -23.29 15.94 -0.99
CA VAL B 464 -22.86 14.54 -0.88
C VAL B 464 -23.27 13.94 0.47
N MET B 465 -24.50 13.43 0.56
CA MET B 465 -25.17 13.17 1.83
C MET B 465 -24.66 11.94 2.57
N HIS B 466 -24.86 11.95 3.90
CA HIS B 466 -24.62 10.77 4.72
C HIS B 466 -25.34 9.57 4.13
N GLY B 467 -24.58 8.53 3.85
CA GLY B 467 -25.15 7.32 3.31
C GLY B 467 -25.38 7.25 1.80
N TYR B 468 -24.69 8.06 1.01
CA TYR B 468 -24.89 7.93 -0.44
C TYR B 468 -23.60 7.58 -1.18
N GLU B 469 -22.63 7.05 -0.44
CA GLU B 469 -21.56 6.26 -1.03
C GLU B 469 -21.88 4.76 -1.09
N ILE B 470 -22.89 4.26 -0.36
CA ILE B 470 -23.09 2.81 -0.29
C ILE B 470 -23.39 2.23 -1.66
N GLU B 471 -24.30 2.86 -2.39
CA GLU B 471 -24.59 2.39 -3.74
C GLU B 471 -23.31 2.25 -4.56
N PHE B 472 -22.38 3.20 -4.41
CA PHE B 472 -21.15 3.11 -5.17
C PHE B 472 -20.24 2.00 -4.68
N VAL B 473 -20.18 1.77 -3.37
CA VAL B 473 -19.39 0.65 -2.88
C VAL B 473 -19.96 -0.67 -3.40
N PHE B 474 -21.27 -0.80 -3.42
CA PHE B 474 -21.86 -2.09 -3.77
C PHE B 474 -21.93 -2.32 -5.27
N GLY B 475 -21.65 -1.28 -6.06
CA GLY B 475 -21.52 -1.45 -7.48
C GLY B 475 -22.75 -1.12 -8.29
N LEU B 476 -23.86 -0.74 -7.63
CA LEU B 476 -25.13 -0.51 -8.34
C LEU B 476 -25.03 0.39 -9.56
N PRO B 477 -24.06 1.32 -9.66
CA PRO B 477 -23.89 2.03 -10.94
C PRO B 477 -23.20 1.22 -12.02
N LEU B 478 -22.73 0.00 -11.73
CA LEU B 478 -22.23 -0.85 -12.80
C LEU B 478 -23.35 -1.38 -13.67
N GLU B 479 -24.60 -1.15 -13.26
CA GLU B 479 -25.80 -1.69 -13.91
C GLU B 479 -26.23 -0.65 -14.93
N ARG B 480 -25.79 -0.85 -16.18
CA ARG B 480 -26.03 0.13 -17.24
C ARG B 480 -27.51 0.32 -17.52
N ARG B 481 -28.34 -0.58 -17.02
CA ARG B 481 -29.77 -0.42 -17.17
C ARG B 481 -30.38 0.59 -16.20
N ASP B 482 -29.60 1.36 -15.42
CA ASP B 482 -30.19 2.08 -14.29
C ASP B 482 -30.23 3.60 -14.41
N ASN B 483 -29.71 4.21 -15.47
CA ASN B 483 -29.67 5.69 -15.62
C ASN B 483 -28.56 6.34 -14.78
N TYR B 484 -27.53 5.62 -14.32
CA TYR B 484 -26.36 6.32 -13.81
C TYR B 484 -25.49 6.79 -14.97
N THR B 485 -24.80 7.91 -14.77
CA THR B 485 -23.98 8.44 -15.85
C THR B 485 -22.74 7.57 -16.08
N LYS B 486 -22.08 7.82 -17.21
CA LYS B 486 -20.90 7.03 -17.54
C LYS B 486 -19.86 7.16 -16.44
N ALA B 487 -19.46 8.40 -16.12
CA ALA B 487 -18.47 8.66 -15.08
C ALA B 487 -18.80 7.96 -13.76
N GLU B 488 -20.06 7.98 -13.35
CA GLU B 488 -20.39 7.32 -12.09
C GLU B 488 -20.07 5.83 -12.13
N GLU B 489 -20.33 5.17 -13.26
CA GLU B 489 -19.92 3.78 -13.43
C GLU B 489 -18.41 3.59 -13.19
N ILE B 490 -17.57 4.34 -13.91
CA ILE B 490 -16.13 4.10 -13.77
C ILE B 490 -15.67 4.40 -12.36
N LEU B 491 -16.19 5.47 -11.75
CA LEU B 491 -15.87 5.73 -10.34
C LEU B 491 -16.28 4.55 -9.46
N SER B 492 -17.52 4.08 -9.63
CA SER B 492 -17.95 2.92 -8.87
C SER B 492 -17.07 1.72 -9.14
N ARG B 493 -16.79 1.43 -10.41
CA ARG B 493 -15.97 0.24 -10.67
C ARG B 493 -14.63 0.36 -9.98
N SER B 494 -14.15 1.61 -9.82
CA SER B 494 -12.85 1.87 -9.21
C SER B 494 -12.90 1.69 -7.70
N ILE B 495 -14.00 2.12 -7.07
CA ILE B 495 -14.18 1.95 -5.63
C ILE B 495 -14.26 0.47 -5.28
N VAL B 496 -14.90 -0.31 -6.16
CA VAL B 496 -15.15 -1.73 -5.88
C VAL B 496 -13.84 -2.53 -5.95
N LYS B 497 -13.02 -2.33 -6.98
CA LYS B 497 -11.73 -3.04 -7.00
C LYS B 497 -10.83 -2.55 -5.87
N ARG B 498 -10.97 -1.28 -5.47
CA ARG B 498 -10.21 -0.79 -4.34
C ARG B 498 -10.65 -1.47 -3.04
N TRP B 499 -11.96 -1.54 -2.78
CA TRP B 499 -12.46 -2.23 -1.58
C TRP B 499 -12.14 -3.73 -1.60
N ALA B 500 -12.26 -4.38 -2.77
CA ALA B 500 -11.95 -5.80 -2.85
C ALA B 500 -10.45 -6.04 -2.77
N ASN B 501 -9.64 -5.09 -3.24
CA ASN B 501 -8.21 -5.23 -3.09
C ASN B 501 -7.79 -5.14 -1.63
N PHE B 502 -8.34 -4.16 -0.90
CA PHE B 502 -8.07 -4.08 0.53
C PHE B 502 -8.48 -5.37 1.22
N ALA B 503 -9.66 -5.89 0.89
CA ALA B 503 -10.10 -7.15 1.49
C ALA B 503 -9.08 -8.25 1.24
N LYS B 504 -8.66 -8.40 -0.02
CA LYS B 504 -7.82 -9.54 -0.40
C LYS B 504 -6.38 -9.38 0.09
N TYR B 505 -5.73 -8.26 -0.24
CA TYR B 505 -4.31 -8.08 0.00
C TYR B 505 -4.00 -6.94 0.97
N GLY B 506 -5.00 -6.37 1.64
CA GLY B 506 -4.71 -5.36 2.64
C GLY B 506 -4.27 -4.02 2.10
N ASN B 507 -4.55 -3.74 0.83
CA ASN B 507 -4.14 -2.52 0.18
C ASN B 507 -5.24 -2.04 -0.77
N PRO B 508 -5.77 -0.81 -0.61
CA PRO B 508 -6.83 -0.32 -1.51
C PRO B 508 -6.28 0.19 -2.85
N ASN B 509 -5.49 -0.67 -3.49
CA ASN B 509 -4.85 -0.40 -4.78
C ASN B 509 -5.83 -0.56 -5.94
N GLU B 510 -5.60 0.21 -7.00
CA GLU B 510 -5.89 -0.25 -8.37
C GLU B 510 -4.66 0.10 -9.20
N THR B 511 -3.90 -0.93 -9.58
CA THR B 511 -2.57 -0.79 -10.16
C THR B 511 -2.60 -0.86 -11.69
N GLN B 512 -3.73 -1.28 -12.26
CA GLN B 512 -3.83 -1.53 -13.70
C GLN B 512 -4.04 -0.25 -14.51
N ASN B 513 -4.88 0.68 -14.01
CA ASN B 513 -5.33 1.82 -14.82
C ASN B 513 -4.69 3.16 -14.44
N ASN B 514 -3.36 3.22 -14.35
CA ASN B 514 -2.64 4.47 -14.10
C ASN B 514 -3.24 5.25 -12.96
N SER B 515 -3.98 4.61 -12.06
CA SER B 515 -4.69 5.45 -11.12
C SER B 515 -3.76 5.97 -10.05
N THR B 516 -4.21 7.04 -9.41
CA THR B 516 -3.49 7.60 -8.28
C THR B 516 -3.37 6.53 -7.21
N SER B 517 -2.17 6.40 -6.66
CA SER B 517 -1.92 5.40 -5.64
C SER B 517 -2.23 5.98 -4.27
N TRP B 518 -2.86 5.15 -3.42
CA TRP B 518 -3.44 5.56 -2.14
C TRP B 518 -2.43 5.33 -1.03
N PRO B 519 -1.90 6.38 -0.38
CA PRO B 519 -0.89 6.22 0.66
C PRO B 519 -1.52 5.97 2.03
N VAL B 520 -0.69 5.46 2.95
CA VAL B 520 -1.18 5.18 4.30
C VAL B 520 -1.36 6.48 5.05
N PHE B 521 -2.32 6.45 5.98
CA PHE B 521 -2.57 7.55 6.91
C PHE B 521 -1.71 7.34 8.14
N LYS B 522 -0.71 8.19 8.29
CA LYS B 522 0.13 8.24 9.47
C LYS B 522 -0.20 9.52 10.21
N SER B 523 -0.13 9.47 11.53
CA SER B 523 -0.05 10.70 12.29
C SER B 523 1.22 11.44 11.90
N THR B 524 1.14 12.78 11.94
CA THR B 524 2.05 13.79 11.37
C THR B 524 1.53 14.25 10.01
N GLU B 525 1.61 13.40 8.97
CA GLU B 525 1.26 13.90 7.64
C GLU B 525 -0.21 13.72 7.29
N GLN B 526 -0.86 12.64 7.78
CA GLN B 526 -2.31 12.48 7.71
C GLN B 526 -2.83 12.61 6.27
N LYS B 527 -2.31 11.76 5.39
CA LYS B 527 -2.68 11.77 3.98
C LYS B 527 -3.94 10.94 3.73
N TYR B 528 -4.96 11.58 3.17
CA TYR B 528 -6.13 10.87 2.70
C TYR B 528 -6.20 10.98 1.18
N LEU B 529 -7.04 10.11 0.58
CA LEU B 529 -7.30 10.09 -0.85
C LEU B 529 -8.75 10.50 -1.11
N THR B 530 -8.94 11.43 -2.04
CA THR B 530 -10.26 11.94 -2.43
C THR B 530 -10.86 11.04 -3.52
N LEU B 531 -12.18 10.90 -3.50
CA LEU B 531 -12.92 10.10 -4.49
C LEU B 531 -14.04 10.94 -5.11
N ASN B 532 -13.98 11.11 -6.42
CA ASN B 532 -14.99 11.85 -7.18
C ASN B 532 -14.77 11.50 -8.66
N THR B 533 -15.70 11.97 -9.50
CA THR B 533 -15.63 11.66 -10.95
C THR B 533 -14.36 12.18 -11.59
N GLU B 534 -14.08 13.48 -11.46
CA GLU B 534 -12.96 14.11 -12.16
C GLU B 534 -11.64 13.41 -11.87
N SER B 535 -10.86 13.97 -10.97
CA SER B 535 -9.58 13.38 -10.66
C SER B 535 -9.46 13.21 -9.16
N THR B 536 -8.95 12.06 -8.76
CA THR B 536 -8.76 11.68 -7.36
C THR B 536 -7.37 12.10 -6.89
N ARG B 537 -7.32 12.84 -5.80
CA ARG B 537 -6.11 13.54 -5.33
C ARG B 537 -5.60 12.93 -4.03
N ILE B 538 -4.36 13.26 -3.69
CA ILE B 538 -3.84 13.06 -2.34
C ILE B 538 -3.90 14.40 -1.64
N MET B 539 -4.43 14.42 -0.43
CA MET B 539 -4.44 15.65 0.33
C MET B 539 -4.01 15.33 1.75
N THR B 540 -3.93 16.36 2.59
CA THR B 540 -3.39 16.17 3.92
C THR B 540 -4.25 16.93 4.92
N LYS B 541 -4.27 16.40 6.16
CA LYS B 541 -4.95 17.03 7.28
C LYS B 541 -6.30 17.58 6.87
N LEU B 542 -7.23 16.66 6.60
CA LEU B 542 -8.62 16.97 6.32
C LEU B 542 -9.23 17.81 7.42
N ARG B 543 -9.75 18.98 7.05
CA ARG B 543 -10.43 19.87 8.01
C ARG B 543 -9.74 19.91 9.35
N ALA B 544 -8.43 20.16 9.33
CA ALA B 544 -7.65 20.09 10.57
C ALA B 544 -8.06 21.18 11.54
N GLN B 545 -8.37 22.38 11.02
CA GLN B 545 -8.78 23.46 11.91
C GLN B 545 -10.09 23.10 12.61
N GLN B 546 -11.09 22.64 11.86
CA GLN B 546 -12.39 22.34 12.46
C GLN B 546 -12.28 21.21 13.45
N CYS B 547 -11.57 20.14 13.10
CA CYS B 547 -11.57 18.96 13.96
C CYS B 547 -10.97 19.26 15.30
N ARG B 548 -9.80 19.84 15.24
CA ARG B 548 -8.99 20.18 16.37
C ARG B 548 -9.76 21.06 17.39
N PHE B 549 -10.66 21.93 16.91
CA PHE B 549 -11.65 22.52 17.80
C PHE B 549 -12.43 21.45 18.57
N TRP B 550 -13.11 20.55 17.85
CA TRP B 550 -13.95 19.56 18.52
C TRP B 550 -13.13 18.59 19.35
N THR B 551 -11.92 18.24 18.87
CA THR B 551 -11.13 17.24 19.56
C THR B 551 -10.45 17.81 20.79
N SER B 552 -9.84 18.98 20.65
CA SER B 552 -9.07 19.55 21.77
C SER B 552 -9.96 20.30 22.74
N PHE B 553 -10.65 21.32 22.22
CA PHE B 553 -11.37 22.28 23.04
C PHE B 553 -12.70 21.70 23.54
N PHE B 554 -13.63 21.52 22.63
CA PHE B 554 -14.98 21.16 23.01
C PHE B 554 -15.13 19.99 23.98
N PRO B 555 -14.23 19.01 24.05
CA PRO B 555 -14.44 17.92 25.02
C PRO B 555 -14.53 18.41 26.44
N LYS B 556 -14.26 19.69 26.68
CA LYS B 556 -14.22 20.22 28.01
C LYS B 556 -15.52 20.92 28.43
N VAL B 557 -16.23 21.59 27.51
CA VAL B 557 -17.49 22.28 27.85
C VAL B 557 -18.55 21.34 28.47
CAN 8U2 C . 15.70 2.02 -11.25
CAM 8U2 C . 16.77 3.09 -11.31
CAS 8U2 C . 17.07 3.56 -12.76
CAH 8U2 C . 17.23 3.65 -10.07
CAI 8U2 C . 18.50 4.02 -9.89
NAL 8U2 C . 19.36 3.81 -10.89
CAB 8U2 C . 18.96 4.54 -8.71
CAA 8U2 C . 20.27 4.84 -8.77
CAF 8U2 C . 20.85 5.34 -7.65
CAE 8U2 C . 20.09 5.59 -6.53
CL1 8U2 C . 21.11 6.29 -5.35
CAD 8U2 C . 18.71 5.31 -6.43
CAC 8U2 C . 18.15 4.77 -7.60
NAJ 8U2 C . 16.81 4.42 -7.76
CAG 8U2 C . 16.33 3.84 -8.98
CAP 8U2 C . 14.93 3.43 -9.31
CAO 8U2 C . 14.99 3.25 -10.87
CAQ 8U2 C . 14.67 4.16 -11.97
CAR 8U2 C . 15.79 4.36 -12.93
CAT 8U2 C . 15.65 5.46 -13.92
CAU 8U2 C . 14.61 6.53 -13.37
CAV 8U2 C . 15.25 7.58 -12.42
CAW 8U2 C . 15.91 6.90 -11.19
NAZ 8U2 C . 15.13 7.11 -9.82
CAX 8U2 C . 14.76 6.37 -8.72
NBA 8U2 C . 14.64 8.51 -9.47
NBB 8U2 C . 14.08 8.41 -8.23
CAY 8U2 C . 14.13 7.16 -7.83
CBC 8U2 C . 13.56 6.68 -6.46
CBD 8U2 C . 12.10 6.19 -6.67
OBM 8U2 C . 11.39 6.77 -7.51
NBL 8U2 C . 11.77 5.11 -5.92
CBE 8U2 C . 10.47 4.39 -5.79
CBF 8U2 C . 10.38 4.28 -4.39
CBK 8U2 C . 9.20 4.56 -3.72
CBG 8U2 C . 11.54 3.98 -3.62
CBH 8U2 C . 11.49 3.90 -2.22
CBI 8U2 C . 10.29 4.16 -1.54
OBN 8U2 C . 10.19 4.12 -0.13
CBJ 8U2 C . 9.15 4.49 -2.32
OBO 8U2 C . 7.96 4.75 -1.71
CBP 8U2 C . 8.02 6.05 -1.05
#